data_8YV8
#
_entry.id   8YV8
#
_cell.length_a   1.00
_cell.length_b   1.00
_cell.length_c   1.00
_cell.angle_alpha   90.00
_cell.angle_beta   90.00
_cell.angle_gamma   90.00
#
_symmetry.space_group_name_H-M   'P 1'
#
loop_
_entity.id
_entity.type
_entity.pdbx_description
1 polymer 'Histone H3.1'
2 polymer 'Histone H4'
3 polymer 'Histone H2A type 1-B/E'
4 polymer 'Histone H2B type 1-K'
5 polymer 'DNA (132-MER)'
6 polymer 'DNA (132-MER)'
7 polymer 'Cell division cycle-associated protein 7'
8 non-polymer 'ZINC ION'
#
loop_
_entity_poly.entity_id
_entity_poly.type
_entity_poly.pdbx_seq_one_letter_code
_entity_poly.pdbx_strand_id
1 'polypeptide(L)'
;ARTKQTARKSTGGKAPRKQLATKAARKSAPATGGVKKPHRYRPGTVALREIRRYQKSTELLIRKLPFQRLVREIAQDFKT
DLRFQSSAVMALQEACEAYLVGLFEDTNLCAIHAKRVTIMPKDIQLARRIRGERA
;
A,E
2 'polypeptide(L)'
;SGRGKGGKGLGKGGAKRHRKVLRDNIQGITKPAIRRLARRGGVKRISGLIYEETRGVLKVFLENVIRDAVTYTEHAKRKT
VTAMDVVYALKRQGRTLYGFGG
;
B,F
3 'polypeptide(L)'
;SGRGKQGGKARAKAKTRSSRAGLQFPVGRVHRLLRKGNYSERVGAGAPVYLAAVLEYLTAEILELAGNAARDNKKTRIIP
RHLQLAIRNDEELNKLLGRVTIAQGGVLPNIQAVLLPKKTESHHKAKGK
;
C,G
4 'polypeptide(L)'
;PEPAKSAPAPKKGSKKAVTKAQKKDGKKRKRSRKESYSVYVYKVLKQVHPDTGISSKAMGIMNSFVNDIFERIAGEASRL
AHYNKRSTITSREIQTAVRLLLPGELAKHAVSEGTKAVTKYTSAK
;
D,H
5 'polydeoxyribonucleotide'
;(DA)(DT)(DC)(DA)(DG)(DA)(DA)(DT)(DC)(DC)(DC)(DG)(DG)(DT)(5CM)(DG)(DC)(DG)(DA)
(DG)(DG)(DC)(DC)(DG)(DC)(DT)(DC)(DA)(DA)(DT)(DT)(DG)(DG)(DT)(DC)(DG)(DT)(DA)(DG)
(DA)(DC)(DA)(DG)(DC)(DT)(DC)(DT)(DA)(DG)(DC)(DA)(DC)(DC)(DG)(DC)(DT)(DT)(DA)(DA)
(DA)(DC)(DG)(DC)(DA)(DC)(DG)(DT)(DA)(DC)(DG)(DC)(DG)(DC)(DT)(DG)(DT)(DC)(DC)(DC)
(DC)(DC)(DG)(DC)(DG)(DT)(DT)(DT)(DT)(DA)(DA)(DC)(DC)(DG)(DC)(DC)(DA)(DA)(DG)(DG)
(DG)(DG)(DA)(DT)(DT)(DA)(DC)(DT)(DC)(DC)(DC)(DT)(DA)(DG)(DT)(DC)(DT)(DC)(DC)(DA)
(DG)(DG)(DC)(DA)(DC)(DG)(DT)(DG)(DT)(DC)(DA)(DG)(DA)(DT)(DA)(DT)(DA)(DT)(DA)(DC)
(DA)(DT)(DC)(DG)(DA)(DT)
;
I
6 'polydeoxyribonucleotide'
;(DA)(DT)(DC)(DG)(DA)(DT)(DG)(DT)(DA)(DT)(DA)(DT)(DA)(DT)(DC)(DT)(DG)(DA)(DC)(DA)
(DC)(DG)(DT)(DG)(DC)(DC)(DT)(DG)(DG)(DA)(DG)(DA)(DC)(DT)(DA)(DG)(DG)(DG)(DA)(DG)
(DT)(DA)(DA)(DT)(DC)(DC)(DC)(DC)(DT)(DT)(DG)(DG)(DC)(DG)(DG)(DT)(DT)(DA)(DA)(DA)
(DA)(DC)(DG)(DC)(DG)(DG)(DG)(DG)(DG)(DA)(DC)(DA)(DG)(DC)(DG)(DC)(DG)(DT)(DA)(DC)
(DG)(DT)(DG)(DC)(DG)(DT)(DT)(DT)(DA)(DA)(DG)(DC)(DG)(DG)(DT)(DG)(DC)(DT)(DA)(DG)
(DA)(DG)(DC)(DT)(DG)(DT)(DC)(DT)(DA)(DC)(DG)(DA)(DC)(DC)(DA)(DA)(DT)(DT)(DG)(DA)
(DG)(DC)(DG)(DG)(DC)(DC)(DT)(DC)(DG)(DC)(DG)(DA)(DC)(DC)(DG)(DG)(DG)(DA)(DT)(DT)
(DC)(DT)(DG)(DA)(DT)
;
J
7 'polypeptide(L)'
;RSLGSTCHQCRQKTIDTKTNCRNPDCWGVRGQFCGPCLRNRYGEEVRDALLDPNWHCPPCRGICNCSFCRQRDGRSATGV
LVYLAKYHGFGNVHAYLKSLKQEFEMQA
;
K
#
loop_
_chem_comp.id
_chem_comp.type
_chem_comp.name
_chem_comp.formula
5CM DNA linking 5-METHYL-2'-DEOXY-CYTIDINE-5'-MONOPHOSPHATE 'C10 H16 N3 O7 P'
DA DNA linking 2'-DEOXYADENOSINE-5'-MONOPHOSPHATE 'C10 H14 N5 O6 P'
DC DNA linking 2'-DEOXYCYTIDINE-5'-MONOPHOSPHATE 'C9 H14 N3 O7 P'
DG DNA linking 2'-DEOXYGUANOSINE-5'-MONOPHOSPHATE 'C10 H14 N5 O7 P'
DT DNA linking THYMIDINE-5'-MONOPHOSPHATE 'C10 H15 N2 O8 P'
ZN non-polymer 'ZINC ION' 'Zn 2'
#
# COMPACT_ATOMS: atom_id res chain seq x y z
N PRO A 38 24.98 -29.55 -46.56
CA PRO A 38 23.60 -29.08 -46.71
C PRO A 38 23.40 -27.69 -46.13
N HIS A 39 22.29 -27.04 -46.48
CA HIS A 39 22.00 -25.71 -45.96
C HIS A 39 21.81 -25.76 -44.46
N ARG A 40 22.42 -24.80 -43.77
CA ARG A 40 22.35 -24.75 -42.31
C ARG A 40 22.32 -23.30 -41.87
N TYR A 41 21.23 -22.91 -41.21
CA TYR A 41 21.11 -21.55 -40.71
C TYR A 41 22.11 -21.30 -39.60
N ARG A 42 22.68 -20.10 -39.58
CA ARG A 42 23.56 -19.72 -38.50
C ARG A 42 22.77 -19.65 -37.19
N PRO A 43 23.42 -19.94 -36.06
CA PRO A 43 22.72 -19.87 -34.77
C PRO A 43 22.10 -18.49 -34.55
N GLY A 44 20.87 -18.49 -34.05
CA GLY A 44 20.14 -17.28 -33.78
C GLY A 44 19.15 -16.87 -34.85
N THR A 45 19.31 -17.37 -36.08
CA THR A 45 18.38 -17.03 -37.15
C THR A 45 17.00 -17.59 -36.85
N VAL A 46 16.92 -18.89 -36.56
CA VAL A 46 15.63 -19.49 -36.21
C VAL A 46 15.10 -18.89 -34.93
N ALA A 47 15.98 -18.41 -34.06
CA ALA A 47 15.52 -17.74 -32.84
C ALA A 47 14.66 -16.52 -33.17
N LEU A 48 15.18 -15.63 -34.02
CA LEU A 48 14.41 -14.47 -34.44
C LEU A 48 13.17 -14.90 -35.23
N ARG A 49 13.30 -15.95 -36.03
CA ARG A 49 12.15 -16.43 -36.80
C ARG A 49 10.99 -16.81 -35.90
N GLU A 50 11.25 -17.64 -34.88
CA GLU A 50 10.17 -18.00 -33.95
C GLU A 50 9.76 -16.83 -33.08
N ILE A 51 10.67 -15.91 -32.78
CA ILE A 51 10.27 -14.72 -32.01
C ILE A 51 9.18 -13.96 -32.75
N ARG A 52 9.42 -13.68 -34.04
CA ARG A 52 8.43 -13.00 -34.85
C ARG A 52 7.18 -13.84 -35.03
N ARG A 53 7.35 -15.15 -35.24
CA ARG A 53 6.21 -16.02 -35.48
C ARG A 53 5.28 -16.06 -34.27
N TYR A 54 5.84 -16.08 -33.06
CA TYR A 54 5.02 -16.21 -31.87
C TYR A 54 4.52 -14.89 -31.33
N GLN A 55 5.18 -13.77 -31.60
CA GLN A 55 4.53 -12.50 -31.31
C GLN A 55 3.46 -12.16 -32.34
N LYS A 56 3.56 -12.72 -33.55
CA LYS A 56 2.50 -12.56 -34.53
C LYS A 56 1.26 -13.35 -34.15
N SER A 57 1.45 -14.57 -33.65
CA SER A 57 0.34 -15.46 -33.33
C SER A 57 -0.35 -15.05 -32.03
N THR A 58 -1.44 -15.73 -31.71
CA THR A 58 -2.21 -15.40 -30.52
C THR A 58 -2.75 -16.61 -29.76
N GLU A 59 -2.42 -17.84 -30.16
CA GLU A 59 -2.99 -19.02 -29.55
C GLU A 59 -2.18 -19.42 -28.31
N LEU A 60 -2.66 -20.44 -27.60
CA LEU A 60 -1.98 -20.96 -26.42
C LEU A 60 -0.79 -21.82 -26.82
N LEU A 61 0.31 -21.70 -26.07
CA LEU A 61 1.56 -22.34 -26.43
C LEU A 61 1.86 -23.61 -25.64
N ILE A 62 1.14 -23.85 -24.55
CA ILE A 62 1.27 -25.09 -23.80
C ILE A 62 0.17 -26.05 -24.23
N ARG A 63 0.48 -27.33 -24.27
CA ARG A 63 -0.52 -28.32 -24.64
C ARG A 63 -1.64 -28.37 -23.60
N LYS A 64 -2.86 -28.61 -24.08
CA LYS A 64 -4.03 -28.51 -23.23
C LYS A 64 -4.05 -29.61 -22.16
N LEU A 65 -3.84 -30.86 -22.57
CA LEU A 65 -3.96 -31.97 -21.63
C LEU A 65 -2.91 -31.93 -20.52
N PRO A 66 -1.62 -31.73 -20.79
CA PRO A 66 -0.66 -31.65 -19.67
C PRO A 66 -0.96 -30.52 -18.70
N PHE A 67 -1.38 -29.37 -19.21
CA PHE A 67 -1.71 -28.27 -18.31
C PHE A 67 -2.95 -28.58 -17.48
N GLN A 68 -3.94 -29.23 -18.09
CA GLN A 68 -5.13 -29.62 -17.33
C GLN A 68 -4.78 -30.61 -16.23
N ARG A 69 -3.91 -31.57 -16.54
CA ARG A 69 -3.48 -32.53 -15.53
C ARG A 69 -2.72 -31.85 -14.40
N LEU A 70 -1.84 -30.89 -14.75
CA LEU A 70 -1.12 -30.15 -13.72
C LEU A 70 -2.07 -29.34 -12.85
N VAL A 71 -3.07 -28.70 -13.46
CA VAL A 71 -4.05 -27.93 -12.70
C VAL A 71 -4.79 -28.83 -11.73
N ARG A 72 -5.22 -30.00 -12.20
CA ARG A 72 -5.93 -30.93 -11.34
C ARG A 72 -5.06 -31.42 -10.19
N GLU A 73 -3.79 -31.75 -10.48
CA GLU A 73 -2.90 -32.21 -9.42
C GLU A 73 -2.65 -31.12 -8.39
N ILE A 74 -2.46 -29.88 -8.83
CA ILE A 74 -2.22 -28.77 -7.90
C ILE A 74 -3.46 -28.55 -7.03
N ALA A 75 -4.64 -28.54 -7.66
CA ALA A 75 -5.86 -28.30 -6.91
C ALA A 75 -6.24 -29.49 -6.03
N GLN A 76 -5.64 -30.66 -6.25
CA GLN A 76 -5.94 -31.81 -5.40
C GLN A 76 -5.53 -31.56 -3.95
N ASP A 77 -4.55 -30.71 -3.72
CA ASP A 77 -4.05 -30.45 -2.38
C ASP A 77 -4.88 -29.44 -1.60
N PHE A 78 -5.88 -28.82 -2.22
CA PHE A 78 -6.73 -27.84 -1.56
C PHE A 78 -8.10 -28.40 -1.19
N LYS A 79 -8.75 -29.09 -2.12
CA LYS A 79 -10.04 -29.71 -1.85
C LYS A 79 -10.12 -31.02 -2.60
N THR A 80 -10.55 -32.08 -1.92
CA THR A 80 -10.56 -33.41 -2.50
C THR A 80 -11.75 -33.59 -3.43
N ASP A 81 -11.50 -34.25 -4.57
CA ASP A 81 -12.53 -34.59 -5.54
C ASP A 81 -13.21 -33.34 -6.09
N LEU A 82 -12.39 -32.38 -6.53
CA LEU A 82 -12.90 -31.19 -7.17
C LEU A 82 -13.33 -31.49 -8.59
N ARG A 83 -14.07 -30.55 -9.18
CA ARG A 83 -14.45 -30.61 -10.57
C ARG A 83 -14.21 -29.25 -11.20
N PHE A 84 -13.86 -29.25 -12.48
CA PHE A 84 -13.47 -28.04 -13.19
C PHE A 84 -14.33 -27.86 -14.41
N GLN A 85 -14.93 -26.68 -14.54
CA GLN A 85 -15.51 -26.27 -15.81
C GLN A 85 -14.40 -26.10 -16.84
N SER A 86 -14.73 -26.41 -18.10
CA SER A 86 -13.73 -26.29 -19.16
C SER A 86 -13.22 -24.87 -19.28
N SER A 87 -14.12 -23.89 -19.20
CA SER A 87 -13.71 -22.50 -19.27
C SER A 87 -12.81 -22.13 -18.11
N ALA A 88 -12.94 -22.80 -16.97
CA ALA A 88 -12.06 -22.51 -15.84
C ALA A 88 -10.62 -22.88 -16.15
N VAL A 89 -10.41 -24.09 -16.68
CA VAL A 89 -9.06 -24.51 -17.03
C VAL A 89 -8.52 -23.65 -18.17
N MET A 90 -9.37 -23.31 -19.14
CA MET A 90 -8.91 -22.45 -20.22
C MET A 90 -8.47 -21.08 -19.71
N ALA A 91 -9.25 -20.50 -18.79
CA ALA A 91 -8.89 -19.21 -18.20
C ALA A 91 -7.58 -19.31 -17.43
N LEU A 92 -7.41 -20.39 -16.67
CA LEU A 92 -6.15 -20.57 -15.95
C LEU A 92 -4.98 -20.65 -16.91
N GLN A 93 -5.14 -21.34 -18.03
CA GLN A 93 -4.05 -21.43 -19.00
C GLN A 93 -3.74 -20.07 -19.61
N GLU A 94 -4.77 -19.29 -19.96
CA GLU A 94 -4.51 -17.97 -20.53
C GLU A 94 -3.75 -17.10 -19.53
N ALA A 95 -4.19 -17.08 -18.27
CA ALA A 95 -3.52 -16.27 -17.27
C ALA A 95 -2.09 -16.71 -17.04
N CYS A 96 -1.85 -18.03 -16.95
CA CYS A 96 -0.50 -18.52 -16.71
C CYS A 96 0.43 -18.17 -17.87
N GLU A 97 -0.04 -18.36 -19.10
CA GLU A 97 0.79 -18.03 -20.25
C GLU A 97 1.10 -16.54 -20.32
N ALA A 98 0.12 -15.69 -20.05
CA ALA A 98 0.38 -14.26 -20.05
C ALA A 98 1.40 -13.89 -18.98
N TYR A 99 1.27 -14.48 -17.79
CA TYR A 99 2.21 -14.20 -16.71
C TYR A 99 3.62 -14.60 -17.10
N LEU A 100 3.78 -15.79 -17.68
CA LEU A 100 5.12 -16.25 -18.04
C LEU A 100 5.72 -15.42 -19.16
N VAL A 101 4.90 -14.97 -20.12
CA VAL A 101 5.42 -14.13 -21.18
C VAL A 101 5.90 -12.79 -20.64
N GLY A 102 5.12 -12.18 -19.74
CA GLY A 102 5.59 -10.94 -19.12
C GLY A 102 6.86 -11.13 -18.32
N LEU A 103 6.94 -12.22 -17.56
CA LEU A 103 8.14 -12.49 -16.79
C LEU A 103 9.34 -12.68 -17.70
N PHE A 104 9.16 -13.34 -18.84
CA PHE A 104 10.28 -13.54 -19.76
C PHE A 104 10.70 -12.22 -20.41
N GLU A 105 9.75 -11.31 -20.64
CA GLU A 105 10.12 -9.98 -21.12
C GLU A 105 11.02 -9.26 -20.12
N ASP A 106 10.61 -9.27 -18.85
CA ASP A 106 11.42 -8.61 -17.82
C ASP A 106 12.78 -9.30 -17.66
N THR A 107 12.80 -10.63 -17.78
CA THR A 107 14.05 -11.38 -17.67
C THR A 107 15.00 -11.04 -18.82
N ASN A 108 14.47 -10.89 -20.03
CA ASN A 108 15.29 -10.48 -21.15
C ASN A 108 15.86 -9.09 -20.92
N LEU A 109 15.06 -8.18 -20.36
CA LEU A 109 15.58 -6.86 -20.04
C LEU A 109 16.73 -6.94 -19.04
N CYS A 110 16.57 -7.76 -18.00
CA CYS A 110 17.63 -7.93 -17.01
C CYS A 110 18.88 -8.50 -17.66
N ALA A 111 18.73 -9.50 -18.53
CA ALA A 111 19.88 -10.10 -19.18
C ALA A 111 20.62 -9.10 -20.06
N ILE A 112 19.87 -8.28 -20.80
CA ILE A 112 20.49 -7.27 -21.64
C ILE A 112 21.23 -6.25 -20.78
N HIS A 113 20.72 -5.95 -19.59
CA HIS A 113 21.39 -4.99 -18.72
C HIS A 113 22.79 -5.45 -18.35
N ALA A 114 22.96 -6.75 -18.09
CA ALA A 114 24.25 -7.30 -17.67
C ALA A 114 25.16 -7.64 -18.84
N LYS A 115 24.92 -7.05 -20.02
CA LYS A 115 25.74 -7.27 -21.21
C LYS A 115 25.77 -8.75 -21.60
N ARG A 116 24.58 -9.32 -21.79
CA ARG A 116 24.45 -10.72 -22.14
C ARG A 116 23.34 -10.90 -23.16
N VAL A 117 23.32 -12.08 -23.79
CA VAL A 117 22.26 -12.46 -24.70
C VAL A 117 21.40 -13.58 -24.13
N THR A 118 22.04 -14.60 -23.54
CA THR A 118 21.29 -15.66 -22.89
C THR A 118 20.70 -15.18 -21.57
N ILE A 119 19.56 -15.75 -21.20
CA ILE A 119 18.91 -15.47 -19.94
C ILE A 119 19.25 -16.59 -18.96
N MET A 120 19.67 -16.21 -17.76
CA MET A 120 20.07 -17.16 -16.74
C MET A 120 19.08 -17.10 -15.58
N PRO A 121 19.10 -18.06 -14.65
CA PRO A 121 18.17 -17.97 -13.52
C PRO A 121 18.30 -16.71 -12.69
N LYS A 122 19.51 -16.14 -12.60
CA LYS A 122 19.68 -14.93 -11.81
C LYS A 122 18.87 -13.77 -12.38
N ASP A 123 18.68 -13.74 -13.70
CA ASP A 123 17.86 -12.68 -14.29
C ASP A 123 16.40 -12.82 -13.91
N ILE A 124 15.88 -14.05 -13.92
CA ILE A 124 14.52 -14.28 -13.46
C ILE A 124 14.37 -13.89 -12.00
N GLN A 125 15.37 -14.25 -11.18
CA GLN A 125 15.31 -13.91 -9.77
C GLN A 125 15.31 -12.41 -9.56
N LEU A 126 16.14 -11.68 -10.31
CA LEU A 126 16.18 -10.22 -10.19
C LEU A 126 14.85 -9.60 -10.61
N ALA A 127 14.28 -10.09 -11.72
CA ALA A 127 13.00 -9.54 -12.17
C ALA A 127 11.91 -9.80 -11.15
N ARG A 128 11.86 -10.99 -10.57
CA ARG A 128 10.84 -11.29 -9.57
C ARG A 128 11.06 -10.50 -8.29
N ARG A 129 12.31 -10.24 -7.93
CA ARG A 129 12.58 -9.43 -6.74
C ARG A 129 12.16 -7.99 -6.95
N ILE A 130 12.49 -7.42 -8.11
CA ILE A 130 12.15 -6.01 -8.36
C ILE A 130 10.65 -5.84 -8.51
N ARG A 131 9.97 -6.81 -9.13
CA ARG A 131 8.53 -6.74 -9.29
C ARG A 131 7.78 -6.81 -7.98
N GLY A 132 8.43 -7.20 -6.89
CA GLY A 132 7.78 -7.36 -5.61
C GLY A 132 7.36 -8.77 -5.28
N GLU A 133 7.73 -9.75 -6.11
CA GLU A 133 7.34 -11.13 -5.89
C GLU A 133 8.27 -11.87 -4.94
N ARG A 134 9.33 -11.22 -4.47
CA ARG A 134 10.27 -11.84 -3.55
C ARG A 134 10.75 -10.86 -2.49
N VAL B 21 -4.57 -39.97 -8.47
CA VAL B 21 -3.58 -39.37 -7.60
C VAL B 21 -2.88 -38.21 -8.30
N LEU B 22 -2.23 -38.54 -9.42
CA LEU B 22 -1.51 -37.58 -10.26
C LEU B 22 -0.26 -37.04 -9.58
N ARG B 23 0.88 -37.16 -10.24
CA ARG B 23 2.14 -36.64 -9.71
C ARG B 23 3.09 -36.41 -10.86
N ASP B 24 4.11 -35.59 -10.61
CA ASP B 24 5.16 -35.21 -11.55
C ASP B 24 4.63 -34.58 -12.83
N ASN B 25 3.38 -34.10 -12.81
CA ASN B 25 2.80 -33.48 -14.00
C ASN B 25 3.45 -32.14 -14.32
N ILE B 26 4.21 -31.55 -13.38
CA ILE B 26 4.94 -30.33 -13.69
C ILE B 26 5.97 -30.58 -14.77
N GLN B 27 6.44 -31.83 -14.90
CA GLN B 27 7.28 -32.21 -16.02
C GLN B 27 6.50 -32.23 -17.34
N GLY B 28 5.17 -32.17 -17.29
CA GLY B 28 4.38 -32.08 -18.50
C GLY B 28 4.45 -30.73 -19.17
N ILE B 29 4.94 -29.72 -18.46
CA ILE B 29 5.27 -28.44 -19.10
C ILE B 29 6.64 -28.64 -19.72
N THR B 30 6.66 -29.08 -20.97
CA THR B 30 7.87 -29.58 -21.58
C THR B 30 8.86 -28.45 -21.84
N LYS B 31 10.10 -28.83 -22.14
CA LYS B 31 11.12 -27.85 -22.50
C LYS B 31 10.76 -27.06 -23.75
N PRO B 32 10.28 -27.68 -24.85
CA PRO B 32 9.87 -26.85 -26.00
C PRO B 32 8.72 -25.91 -25.70
N ALA B 33 7.82 -26.25 -24.78
CA ALA B 33 6.75 -25.31 -24.43
C ALA B 33 7.32 -24.07 -23.75
N ILE B 34 8.26 -24.26 -22.82
CA ILE B 34 8.93 -23.13 -22.19
C ILE B 34 9.72 -22.35 -23.25
N ARG B 35 10.30 -23.05 -24.22
CA ARG B 35 11.00 -22.38 -25.30
C ARG B 35 10.06 -21.48 -26.08
N ARG B 36 8.87 -21.97 -26.41
CA ARG B 36 7.89 -21.17 -27.15
C ARG B 36 7.44 -19.97 -26.33
N LEU B 37 7.20 -20.16 -25.03
CA LEU B 37 6.82 -19.04 -24.18
C LEU B 37 7.92 -17.98 -24.13
N ALA B 38 9.17 -18.42 -24.04
CA ALA B 38 10.29 -17.48 -24.02
C ALA B 38 10.42 -16.75 -25.34
N ARG B 39 10.27 -17.46 -26.46
CA ARG B 39 10.34 -16.81 -27.76
C ARG B 39 9.24 -15.77 -27.93
N ARG B 40 8.02 -16.11 -27.51
CA ARG B 40 6.95 -15.11 -27.50
C ARG B 40 7.33 -13.94 -26.59
N GLY B 41 8.03 -14.20 -25.49
CA GLY B 41 8.50 -13.11 -24.65
C GLY B 41 9.51 -12.22 -25.35
N GLY B 42 10.34 -12.81 -26.21
CA GLY B 42 11.28 -12.01 -26.98
C GLY B 42 12.73 -12.32 -26.70
N VAL B 43 13.02 -13.47 -26.11
CA VAL B 43 14.39 -13.87 -25.81
C VAL B 43 14.86 -14.80 -26.92
N LYS B 44 16.15 -14.70 -27.25
CA LYS B 44 16.72 -15.47 -28.36
C LYS B 44 17.62 -16.61 -27.91
N ARG B 45 18.28 -16.50 -26.77
CA ARG B 45 19.10 -17.56 -26.22
C ARG B 45 18.65 -17.87 -24.81
N ILE B 46 18.68 -19.15 -24.44
CA ILE B 46 18.18 -19.61 -23.16
C ILE B 46 19.22 -20.49 -22.51
N SER B 47 19.51 -20.25 -21.24
CA SER B 47 20.42 -21.12 -20.51
C SER B 47 19.73 -22.43 -20.17
N GLY B 48 20.54 -23.45 -19.90
CA GLY B 48 20.02 -24.77 -19.65
C GLY B 48 19.29 -24.93 -18.33
N LEU B 49 19.55 -24.05 -17.37
CA LEU B 49 18.91 -24.11 -16.07
C LEU B 49 17.66 -23.25 -15.98
N ILE B 50 17.27 -22.60 -17.08
CA ILE B 50 16.08 -21.75 -17.07
C ILE B 50 14.82 -22.58 -16.88
N TYR B 51 14.79 -23.79 -17.42
CA TYR B 51 13.54 -24.56 -17.47
C TYR B 51 13.05 -24.93 -16.07
N GLU B 52 13.95 -25.39 -15.20
CA GLU B 52 13.53 -25.75 -13.84
C GLU B 52 13.05 -24.53 -13.08
N GLU B 53 13.75 -23.40 -13.22
CA GLU B 53 13.33 -22.17 -12.57
C GLU B 53 11.95 -21.73 -13.05
N THR B 54 11.70 -21.82 -14.36
CA THR B 54 10.40 -21.45 -14.90
C THR B 54 9.31 -22.39 -14.41
N ARG B 55 9.60 -23.69 -14.33
CA ARG B 55 8.62 -24.62 -13.81
C ARG B 55 8.27 -24.31 -12.37
N GLY B 56 9.28 -24.00 -11.54
CA GLY B 56 8.99 -23.63 -10.17
C GLY B 56 8.16 -22.36 -10.06
N VAL B 57 8.51 -21.34 -10.86
CA VAL B 57 7.77 -20.09 -10.83
C VAL B 57 6.33 -20.31 -11.23
N LEU B 58 6.11 -21.06 -12.31
CA LEU B 58 4.76 -21.33 -12.78
C LEU B 58 3.96 -22.12 -11.75
N LYS B 59 4.60 -23.09 -11.10
CA LYS B 59 3.90 -23.85 -10.07
C LYS B 59 3.47 -22.95 -8.91
N VAL B 60 4.35 -22.03 -8.49
CA VAL B 60 3.99 -21.14 -7.39
C VAL B 60 2.83 -20.24 -7.78
N PHE B 61 2.89 -19.66 -8.98
CA PHE B 61 1.81 -18.78 -9.44
C PHE B 61 0.49 -19.54 -9.55
N LEU B 62 0.54 -20.75 -10.10
CA LEU B 62 -0.67 -21.56 -10.24
C LEU B 62 -1.25 -21.91 -8.88
N GLU B 63 -0.40 -22.27 -7.91
CA GLU B 63 -0.92 -22.54 -6.58
C GLU B 63 -1.58 -21.32 -5.98
N ASN B 64 -0.96 -20.15 -6.14
CA ASN B 64 -1.53 -18.93 -5.57
C ASN B 64 -2.90 -18.62 -6.16
N VAL B 65 -3.06 -18.78 -7.48
CA VAL B 65 -4.35 -18.48 -8.10
C VAL B 65 -5.39 -19.54 -7.72
N ILE B 66 -4.99 -20.82 -7.77
CA ILE B 66 -5.93 -21.92 -7.53
C ILE B 66 -6.43 -21.91 -6.10
N ARG B 67 -5.58 -21.53 -5.14
CA ARG B 67 -6.04 -21.46 -3.76
C ARG B 67 -7.24 -20.54 -3.63
N ASP B 68 -7.16 -19.35 -4.21
CA ASP B 68 -8.25 -18.40 -4.10
C ASP B 68 -9.45 -18.81 -4.94
N ALA B 69 -9.22 -19.44 -6.09
CA ALA B 69 -10.35 -19.95 -6.87
C ALA B 69 -11.13 -20.99 -6.08
N VAL B 70 -10.43 -21.90 -5.42
CA VAL B 70 -11.09 -22.92 -4.62
C VAL B 70 -11.76 -22.31 -3.39
N THR B 71 -11.16 -21.26 -2.81
CA THR B 71 -11.82 -20.58 -1.70
C THR B 71 -13.13 -19.95 -2.14
N TYR B 72 -13.14 -19.28 -3.29
CA TYR B 72 -14.36 -18.70 -3.84
C TYR B 72 -15.40 -19.79 -4.12
N THR B 73 -14.96 -20.91 -4.68
CA THR B 73 -15.89 -22.00 -4.95
C THR B 73 -16.47 -22.58 -3.66
N GLU B 74 -15.64 -22.76 -2.64
CA GLU B 74 -16.11 -23.32 -1.38
C GLU B 74 -17.07 -22.39 -0.67
N HIS B 75 -16.88 -21.07 -0.81
CA HIS B 75 -17.81 -20.14 -0.17
C HIS B 75 -19.21 -20.28 -0.72
N ALA B 76 -19.36 -20.78 -1.94
CA ALA B 76 -20.66 -20.96 -2.56
C ALA B 76 -21.18 -22.38 -2.44
N LYS B 77 -20.53 -23.21 -1.63
CA LYS B 77 -20.92 -24.61 -1.41
C LYS B 77 -21.13 -25.35 -2.73
N ARG B 78 -20.14 -25.23 -3.61
CA ARG B 78 -20.16 -25.90 -4.91
C ARG B 78 -18.98 -26.85 -5.01
N LYS B 79 -19.18 -27.94 -5.75
CA LYS B 79 -18.11 -28.89 -6.04
C LYS B 79 -17.47 -28.66 -7.40
N THR B 80 -17.90 -27.64 -8.15
CA THR B 80 -17.40 -27.36 -9.48
C THR B 80 -16.76 -25.99 -9.50
N VAL B 81 -15.51 -25.91 -9.98
CA VAL B 81 -14.78 -24.66 -10.08
C VAL B 81 -15.17 -24.01 -11.40
N THR B 82 -16.03 -23.00 -11.33
CA THR B 82 -16.47 -22.30 -12.53
C THR B 82 -15.39 -21.34 -13.02
N ALA B 83 -15.60 -20.81 -14.23
CA ALA B 83 -14.66 -19.84 -14.77
C ALA B 83 -14.69 -18.54 -13.98
N MET B 84 -15.84 -18.19 -13.42
CA MET B 84 -15.97 -16.93 -12.71
C MET B 84 -15.19 -16.94 -11.41
N ASP B 85 -15.08 -18.11 -10.76
CA ASP B 85 -14.23 -18.21 -9.58
C ASP B 85 -12.78 -17.92 -9.91
N VAL B 86 -12.29 -18.47 -11.03
CA VAL B 86 -10.94 -18.19 -11.47
C VAL B 86 -10.77 -16.72 -11.80
N VAL B 87 -11.80 -16.11 -12.42
CA VAL B 87 -11.73 -14.70 -12.76
C VAL B 87 -11.59 -13.85 -11.51
N TYR B 88 -12.39 -14.15 -10.48
CA TYR B 88 -12.30 -13.42 -9.22
C TYR B 88 -10.94 -13.64 -8.56
N ALA B 89 -10.44 -14.87 -8.57
CA ALA B 89 -9.17 -15.16 -7.94
C ALA B 89 -8.04 -14.42 -8.63
N LEU B 90 -8.07 -14.32 -9.96
CA LEU B 90 -7.07 -13.54 -10.68
C LEU B 90 -7.22 -12.06 -10.39
N LYS B 91 -8.45 -11.56 -10.29
CA LYS B 91 -8.66 -10.15 -9.99
C LYS B 91 -8.13 -9.79 -8.61
N ARG B 92 -8.20 -10.72 -7.66
CA ARG B 92 -7.73 -10.45 -6.30
C ARG B 92 -6.25 -10.08 -6.30
N GLN B 93 -5.47 -10.64 -7.21
CA GLN B 93 -4.03 -10.40 -7.26
C GLN B 93 -3.65 -9.25 -8.18
N GLY B 94 -4.61 -8.44 -8.62
CA GLY B 94 -4.31 -7.37 -9.56
C GLY B 94 -3.89 -7.88 -10.91
N ARG B 95 -4.57 -8.89 -11.44
CA ARG B 95 -4.30 -9.49 -12.74
C ARG B 95 -5.60 -9.69 -13.51
N THR B 96 -6.41 -8.64 -13.57
CA THR B 96 -7.74 -8.72 -14.17
C THR B 96 -7.69 -9.35 -15.56
N LEU B 97 -8.56 -10.33 -15.79
CA LEU B 97 -8.59 -11.09 -17.02
C LEU B 97 -9.93 -10.86 -17.72
N TYR B 98 -9.86 -10.42 -18.97
CA TYR B 98 -11.05 -10.11 -19.76
C TYR B 98 -11.41 -11.29 -20.67
N GLY B 99 -12.70 -11.43 -20.94
CA GLY B 99 -13.16 -12.36 -21.94
C GLY B 99 -13.65 -13.70 -21.44
N PHE B 100 -13.83 -13.86 -20.13
CA PHE B 100 -14.32 -15.12 -19.58
C PHE B 100 -15.51 -14.88 -18.66
N GLY B 101 -16.34 -13.90 -19.00
CA GLY B 101 -17.54 -13.62 -18.25
C GLY B 101 -17.40 -12.61 -17.13
N GLY B 102 -16.22 -12.00 -16.98
CA GLY B 102 -16.00 -11.03 -15.92
C GLY B 102 -16.95 -9.84 -15.96
N ALA C 10 -37.81 -6.36 34.02
CA ALA C 10 -36.91 -5.77 35.01
C ALA C 10 -35.76 -5.04 34.33
N ARG C 11 -35.43 -5.49 33.11
CA ARG C 11 -34.37 -4.90 32.30
C ARG C 11 -33.03 -4.92 33.05
N ALA C 12 -32.54 -6.14 33.24
CA ALA C 12 -31.27 -6.35 33.93
C ALA C 12 -30.17 -5.47 33.34
N LYS C 13 -29.16 -5.21 34.17
CA LYS C 13 -28.10 -4.27 33.83
C LYS C 13 -27.48 -4.62 32.48
N ALA C 14 -27.40 -3.61 31.61
CA ALA C 14 -26.89 -3.83 30.27
C ALA C 14 -25.41 -4.18 30.29
N LYS C 15 -25.04 -5.16 29.48
CA LYS C 15 -23.64 -5.54 29.29
C LYS C 15 -23.30 -5.42 27.81
N THR C 16 -22.13 -4.84 27.54
CA THR C 16 -21.71 -4.62 26.16
C THR C 16 -21.54 -5.95 25.44
N ARG C 17 -21.87 -5.95 24.14
CA ARG C 17 -21.76 -7.18 23.36
C ARG C 17 -20.32 -7.65 23.26
N SER C 18 -19.37 -6.74 23.39
CA SER C 18 -17.97 -7.14 23.41
C SER C 18 -17.65 -7.99 24.63
N SER C 19 -18.28 -7.68 25.77
CA SER C 19 -18.12 -8.50 26.96
C SER C 19 -18.66 -9.91 26.73
N ARG C 20 -19.82 -10.02 26.10
CA ARG C 20 -20.35 -11.35 25.76
C ARG C 20 -19.42 -12.08 24.82
N ALA C 21 -18.84 -11.36 23.85
CA ALA C 21 -17.83 -11.94 22.98
C ALA C 21 -16.49 -12.12 23.65
N GLY C 22 -16.29 -11.53 24.83
CA GLY C 22 -15.01 -11.63 25.51
C GLY C 22 -13.88 -10.92 24.78
N LEU C 23 -14.12 -9.71 24.29
CA LEU C 23 -13.19 -8.96 23.46
C LEU C 23 -12.77 -7.67 24.14
N GLN C 24 -11.88 -6.94 23.47
CA GLN C 24 -11.48 -5.61 23.88
C GLN C 24 -11.82 -4.54 22.84
N PHE C 25 -11.83 -4.89 21.56
CA PHE C 25 -12.34 -4.00 20.53
C PHE C 25 -13.87 -3.98 20.58
N PRO C 26 -14.48 -2.85 20.24
CA PRO C 26 -15.93 -2.70 20.46
C PRO C 26 -16.73 -3.36 19.35
N VAL C 27 -17.52 -4.37 19.71
CA VAL C 27 -18.36 -5.02 18.71
C VAL C 27 -19.46 -4.08 18.25
N GLY C 28 -20.01 -3.28 19.16
CA GLY C 28 -21.09 -2.39 18.79
C GLY C 28 -20.65 -1.28 17.85
N ARG C 29 -19.51 -0.65 18.13
CA ARG C 29 -19.01 0.37 17.24
C ARG C 29 -18.68 -0.21 15.87
N VAL C 30 -18.14 -1.43 15.85
CA VAL C 30 -17.84 -2.08 14.58
C VAL C 30 -19.12 -2.39 13.82
N HIS C 31 -20.18 -2.79 14.53
CA HIS C 31 -21.48 -3.00 13.89
C HIS C 31 -21.98 -1.70 13.27
N ARG C 32 -21.89 -0.60 14.01
CA ARG C 32 -22.34 0.69 13.48
C ARG C 32 -21.50 1.10 12.27
N LEU C 33 -20.20 0.87 12.32
CA LEU C 33 -19.32 1.21 11.21
C LEU C 33 -19.64 0.37 9.98
N LEU C 34 -19.95 -0.90 10.17
CA LEU C 34 -20.34 -1.75 9.05
C LEU C 34 -21.65 -1.28 8.43
N ARG C 35 -22.65 -0.99 9.28
CA ARG C 35 -23.95 -0.61 8.77
C ARG C 35 -23.90 0.75 8.07
N LYS C 36 -23.20 1.71 8.65
CA LYS C 36 -23.11 3.04 8.07
C LYS C 36 -22.10 3.15 6.95
N GLY C 37 -21.22 2.17 6.79
CA GLY C 37 -20.24 2.19 5.73
C GLY C 37 -20.72 1.62 4.42
N ASN C 38 -22.03 1.47 4.25
CA ASN C 38 -22.71 0.99 3.05
C ASN C 38 -21.92 -0.12 2.36
N TYR C 39 -21.70 -1.20 3.11
CA TYR C 39 -21.07 -2.40 2.58
C TYR C 39 -22.11 -3.40 2.07
N SER C 40 -23.25 -3.48 2.73
CA SER C 40 -24.33 -4.35 2.29
C SER C 40 -25.64 -3.83 2.89
N GLU C 41 -26.75 -4.31 2.34
CA GLU C 41 -28.06 -3.84 2.79
C GLU C 41 -28.30 -4.21 4.25
N ARG C 42 -27.91 -5.42 4.65
CA ARG C 42 -27.97 -5.83 6.04
C ARG C 42 -26.70 -6.57 6.42
N VAL C 43 -26.37 -6.52 7.70
CA VAL C 43 -25.22 -7.23 8.24
C VAL C 43 -25.69 -8.09 9.41
N GLY C 44 -25.11 -9.28 9.52
CA GLY C 44 -25.54 -10.23 10.51
C GLY C 44 -25.13 -9.85 11.92
N ALA C 45 -25.38 -10.76 12.85
CA ALA C 45 -24.96 -10.56 14.23
C ALA C 45 -23.58 -11.12 14.51
N GLY C 46 -23.11 -12.08 13.72
CA GLY C 46 -21.79 -12.64 13.86
C GLY C 46 -20.74 -12.08 12.95
N ALA C 47 -21.05 -11.05 12.18
CA ALA C 47 -20.07 -10.35 11.38
C ALA C 47 -19.24 -9.38 12.22
N PRO C 48 -19.86 -8.48 13.00
CA PRO C 48 -19.05 -7.57 13.81
C PRO C 48 -18.16 -8.29 14.80
N VAL C 49 -18.64 -9.39 15.37
CA VAL C 49 -17.86 -10.13 16.35
C VAL C 49 -16.59 -10.70 15.71
N TYR C 50 -16.75 -11.34 14.55
CA TYR C 50 -15.62 -11.90 13.84
C TYR C 50 -14.63 -10.80 13.45
N LEU C 51 -15.11 -9.70 12.88
CA LEU C 51 -14.21 -8.65 12.43
C LEU C 51 -13.47 -8.01 13.60
N ALA C 52 -14.17 -7.76 14.72
CA ALA C 52 -13.51 -7.19 15.88
C ALA C 52 -12.47 -8.13 16.46
N ALA C 53 -12.79 -9.43 16.52
CA ALA C 53 -11.80 -10.38 17.01
C ALA C 53 -10.57 -10.42 16.12
N VAL C 54 -10.76 -10.36 14.80
CA VAL C 54 -9.64 -10.41 13.88
C VAL C 54 -8.75 -9.18 14.05
N LEU C 55 -9.37 -8.00 14.15
CA LEU C 55 -8.59 -6.78 14.32
C LEU C 55 -7.85 -6.79 15.65
N GLU C 56 -8.51 -7.26 16.71
CA GLU C 56 -7.84 -7.38 18.01
C GLU C 56 -6.63 -8.30 17.92
N TYR C 57 -6.79 -9.44 17.23
CA TYR C 57 -5.68 -10.39 17.12
C TYR C 57 -4.51 -9.80 16.35
N LEU C 58 -4.78 -9.14 15.22
CA LEU C 58 -3.70 -8.55 14.42
C LEU C 58 -2.97 -7.47 15.20
N THR C 59 -3.72 -6.62 15.91
CA THR C 59 -3.10 -5.61 16.76
C THR C 59 -2.26 -6.26 17.84
N ALA C 60 -2.75 -7.37 18.42
CA ALA C 60 -2.01 -8.05 19.46
C ALA C 60 -0.66 -8.57 18.94
N GLU C 61 -0.65 -9.14 17.75
CA GLU C 61 0.61 -9.62 17.18
C GLU C 61 1.58 -8.48 16.89
N ILE C 62 1.08 -7.39 16.29
CA ILE C 62 1.99 -6.28 15.99
C ILE C 62 2.55 -5.70 17.29
N LEU C 63 1.72 -5.56 18.32
CA LEU C 63 2.19 -5.05 19.60
C LEU C 63 3.18 -6.01 20.26
N GLU C 64 2.92 -7.32 20.19
CA GLU C 64 3.88 -8.31 20.66
C GLU C 64 5.25 -8.09 20.04
N LEU C 65 5.30 -7.92 18.72
CA LEU C 65 6.58 -7.78 18.07
C LEU C 65 7.23 -6.43 18.39
N ALA C 66 6.42 -5.36 18.46
CA ALA C 66 6.97 -4.03 18.69
C ALA C 66 7.50 -3.86 20.11
N GLY C 67 6.87 -4.49 21.10
CA GLY C 67 7.39 -4.41 22.44
C GLY C 67 8.76 -5.04 22.57
N ASN C 68 8.97 -6.19 21.93
CA ASN C 68 10.29 -6.81 21.92
C ASN C 68 11.28 -5.94 21.15
N ALA C 69 10.85 -5.38 20.02
CA ALA C 69 11.74 -4.52 19.24
C ALA C 69 12.19 -3.31 20.05
N ALA C 70 11.30 -2.78 20.90
CA ALA C 70 11.68 -1.67 21.77
C ALA C 70 12.57 -2.15 22.92
N ARG C 71 12.26 -3.33 23.47
CA ARG C 71 13.04 -3.82 24.61
C ARG C 71 14.48 -4.08 24.22
N ASP C 72 14.72 -4.59 23.02
CA ASP C 72 16.09 -4.74 22.56
C ASP C 72 16.78 -3.40 22.33
N ASN C 73 16.01 -2.31 22.28
CA ASN C 73 16.55 -0.96 22.28
C ASN C 73 16.49 -0.33 23.67
N LYS C 74 16.19 -1.13 24.70
CA LYS C 74 16.04 -0.68 26.09
C LYS C 74 15.31 0.64 26.19
N LYS C 75 14.10 0.66 25.64
CA LYS C 75 13.22 1.83 25.68
C LYS C 75 11.88 1.43 26.24
N THR C 76 11.28 2.32 27.03
CA THR C 76 10.01 2.07 27.70
C THR C 76 8.86 2.85 27.07
N ARG C 77 8.98 3.20 25.79
CA ARG C 77 7.88 3.87 25.09
C ARG C 77 8.04 3.60 23.61
N ILE C 78 7.12 2.81 23.05
CA ILE C 78 7.16 2.48 21.64
C ILE C 78 7.11 3.76 20.81
N ILE C 79 7.88 3.78 19.72
CA ILE C 79 7.91 4.89 18.79
C ILE C 79 7.55 4.30 17.43
N PRO C 80 7.41 5.09 16.37
CA PRO C 80 7.15 4.46 15.06
C PRO C 80 8.22 3.49 14.61
N ARG C 81 9.48 3.73 14.97
CA ARG C 81 10.56 2.84 14.55
C ARG C 81 10.29 1.41 15.00
N HIS C 82 9.90 1.24 16.26
CA HIS C 82 9.67 -0.09 16.80
C HIS C 82 8.52 -0.81 16.12
N LEU C 83 7.71 -0.10 15.33
CA LEU C 83 6.72 -0.79 14.53
C LEU C 83 7.35 -1.35 13.26
N GLN C 84 8.18 -0.55 12.59
CA GLN C 84 8.78 -1.00 11.32
C GLN C 84 9.68 -2.20 11.56
N LEU C 85 10.54 -2.15 12.57
CA LEU C 85 11.35 -3.30 12.91
C LEU C 85 10.48 -4.49 13.29
N ALA C 86 9.29 -4.24 13.82
CA ALA C 86 8.36 -5.31 14.16
C ALA C 86 7.58 -5.81 12.97
N ILE C 87 7.65 -5.12 11.84
CA ILE C 87 6.85 -5.46 10.67
C ILE C 87 7.70 -6.08 9.58
N ARG C 88 8.84 -5.48 9.26
CA ARG C 88 9.68 -5.96 8.18
C ARG C 88 10.54 -7.14 8.59
N ASN C 89 10.44 -7.61 9.84
CA ASN C 89 11.18 -8.77 10.30
C ASN C 89 10.33 -10.03 10.38
N ASP C 90 9.01 -9.90 10.51
CA ASP C 90 8.11 -11.04 10.43
C ASP C 90 7.64 -11.18 8.99
N GLU C 91 7.88 -12.36 8.41
CA GLU C 91 7.64 -12.54 6.98
C GLU C 91 6.16 -12.36 6.64
N GLU C 92 5.27 -12.91 7.47
CA GLU C 92 3.84 -12.83 7.16
C GLU C 92 3.31 -11.42 7.37
N LEU C 93 3.69 -10.77 8.48
CA LEU C 93 3.25 -9.39 8.68
C LEU C 93 3.84 -8.47 7.62
N ASN C 94 5.08 -8.75 7.19
CA ASN C 94 5.66 -8.00 6.08
C ASN C 94 4.84 -8.19 4.81
N LYS C 95 4.41 -9.43 4.55
CA LYS C 95 3.60 -9.68 3.35
C LYS C 95 2.26 -8.97 3.43
N LEU C 96 1.65 -8.94 4.62
CA LEU C 96 0.34 -8.30 4.76
C LEU C 96 0.44 -6.80 4.54
N LEU C 97 1.53 -6.18 4.97
CA LEU C 97 1.72 -4.74 4.86
C LEU C 97 2.88 -4.40 3.92
N GLY C 98 2.94 -5.08 2.78
CA GLY C 98 4.02 -4.88 1.84
C GLY C 98 3.95 -3.63 1.00
N ARG C 99 2.79 -2.96 0.96
CA ARG C 99 2.61 -1.74 0.19
C ARG C 99 2.29 -0.56 1.09
N VAL C 100 2.81 -0.56 2.31
CA VAL C 100 2.51 0.45 3.31
C VAL C 100 3.80 1.12 3.75
N THR C 101 3.81 2.44 3.78
CA THR C 101 4.90 3.21 4.35
C THR C 101 4.53 3.67 5.75
N ILE C 102 5.51 3.71 6.64
CA ILE C 102 5.30 4.06 8.04
C ILE C 102 6.09 5.33 8.33
N ALA C 103 5.39 6.38 8.75
CA ALA C 103 6.04 7.66 9.01
C ALA C 103 7.02 7.54 10.18
N GLN C 104 8.21 8.11 9.98
CA GLN C 104 9.29 8.07 10.97
C GLN C 104 9.71 6.64 11.29
N GLY C 105 9.58 5.74 10.32
CA GLY C 105 9.87 4.35 10.56
C GLY C 105 11.27 3.92 10.19
N GLY C 106 11.98 4.73 9.40
CA GLY C 106 13.32 4.35 9.01
C GLY C 106 13.31 3.15 8.07
N VAL C 107 14.34 2.31 8.20
CA VAL C 107 14.46 1.11 7.37
C VAL C 107 15.38 0.15 8.10
N LEU C 108 15.28 -1.14 7.78
CA LEU C 108 16.16 -2.12 8.40
C LEU C 108 17.60 -1.90 7.94
N PRO C 109 18.58 -2.06 8.82
CA PRO C 109 19.98 -2.05 8.39
C PRO C 109 20.27 -3.26 7.53
N ASN C 110 20.73 -3.01 6.30
CA ASN C 110 21.00 -4.10 5.36
C ASN C 110 22.02 -3.58 4.34
N ILE C 111 23.25 -4.09 4.43
CA ILE C 111 24.32 -3.75 3.50
C ILE C 111 24.62 -4.98 2.67
N GLN C 112 24.67 -4.80 1.35
CA GLN C 112 24.96 -5.93 0.47
C GLN C 112 26.37 -6.45 0.72
N ALA C 113 26.52 -7.77 0.65
CA ALA C 113 27.82 -8.37 0.92
C ALA C 113 28.87 -8.01 -0.11
N VAL C 114 28.46 -7.57 -1.30
CA VAL C 114 29.41 -7.19 -2.32
C VAL C 114 30.16 -5.92 -1.92
N LEU C 115 29.46 -4.98 -1.28
CA LEU C 115 30.05 -3.69 -0.92
C LEU C 115 30.99 -3.77 0.28
N LEU C 116 30.90 -4.84 1.07
CA LEU C 116 31.69 -4.92 2.29
C LEU C 116 33.17 -4.94 1.96
N PRO C 117 34.02 -4.39 2.84
CA PRO C 117 35.45 -4.30 2.53
C PRO C 117 36.07 -5.67 2.31
N LYS C 118 36.99 -5.74 1.35
CA LYS C 118 37.65 -6.98 1.00
C LYS C 118 38.70 -7.34 2.04
N LYS C 119 39.44 -8.43 1.77
CA LYS C 119 40.49 -8.91 2.65
C LYS C 119 39.95 -9.18 4.06
N LYS D 30 -19.33 22.23 19.21
CA LYS D 30 -18.16 23.06 19.48
C LYS D 30 -17.01 22.22 20.05
N ARG D 31 -17.06 20.93 19.78
CA ARG D 31 -16.07 19.98 20.28
C ARG D 31 -15.35 19.23 19.17
N SER D 32 -16.04 18.84 18.11
CA SER D 32 -15.47 18.05 17.02
C SER D 32 -14.88 16.75 17.54
N ARG D 33 -15.59 16.11 18.47
CA ARG D 33 -15.11 14.86 19.05
C ARG D 33 -15.16 13.75 18.01
N LYS D 34 -14.04 13.06 17.83
CA LYS D 34 -13.89 12.06 16.79
C LYS D 34 -13.52 10.71 17.42
N GLU D 35 -14.03 9.64 16.83
CA GLU D 35 -13.78 8.30 17.33
C GLU D 35 -12.37 7.86 16.94
N SER D 36 -11.75 7.09 17.82
CA SER D 36 -10.42 6.56 17.59
C SER D 36 -10.22 5.34 18.47
N TYR D 37 -9.54 4.33 17.94
CA TYR D 37 -9.35 3.07 18.65
C TYR D 37 -8.29 3.15 19.74
N SER D 38 -7.85 4.35 20.09
CA SER D 38 -6.78 4.48 21.09
C SER D 38 -7.20 3.95 22.44
N VAL D 39 -8.50 3.92 22.73
CA VAL D 39 -8.96 3.35 24.00
C VAL D 39 -8.72 1.85 24.03
N TYR D 40 -8.77 1.19 22.88
CA TYR D 40 -8.56 -0.25 22.81
C TYR D 40 -7.13 -0.60 22.43
N VAL D 41 -6.54 0.11 21.47
CA VAL D 41 -5.16 -0.14 21.07
C VAL D 41 -4.24 -0.03 22.27
N TYR D 42 -4.52 0.90 23.19
CA TYR D 42 -3.77 0.96 24.42
C TYR D 42 -4.14 -0.17 25.36
N LYS D 43 -5.44 -0.47 25.48
CA LYS D 43 -5.89 -1.40 26.52
C LYS D 43 -5.53 -2.83 26.17
N VAL D 44 -5.44 -3.17 24.89
CA VAL D 44 -4.92 -4.47 24.50
C VAL D 44 -3.40 -4.52 24.60
N LEU D 45 -2.73 -3.38 24.68
CA LEU D 45 -1.30 -3.37 24.89
C LEU D 45 -0.95 -3.69 26.33
N LYS D 46 -1.84 -3.38 27.27
CA LYS D 46 -1.61 -3.71 28.66
C LYS D 46 -1.83 -5.18 28.96
N GLN D 47 -2.44 -5.92 28.03
CA GLN D 47 -2.61 -7.35 28.19
C GLN D 47 -1.49 -8.14 27.52
N VAL D 48 -0.67 -7.49 26.71
CA VAL D 48 0.42 -8.16 26.00
C VAL D 48 1.79 -7.65 26.42
N HIS D 49 1.89 -6.44 26.95
CA HIS D 49 3.15 -5.88 27.42
C HIS D 49 2.85 -4.96 28.58
N PRO D 50 2.70 -5.52 29.79
CA PRO D 50 2.14 -4.73 30.90
C PRO D 50 2.98 -3.54 31.30
N ASP D 51 4.27 -3.49 30.94
CA ASP D 51 5.15 -2.42 31.37
C ASP D 51 5.86 -1.81 30.16
N THR D 52 5.09 -1.50 29.12
CA THR D 52 5.63 -0.87 27.93
C THR D 52 4.62 0.13 27.39
N GLY D 53 5.09 1.33 27.05
CA GLY D 53 4.25 2.39 26.56
C GLY D 53 4.21 2.45 25.04
N ILE D 54 3.54 3.47 24.53
CA ILE D 54 3.38 3.68 23.11
C ILE D 54 3.21 5.17 22.87
N SER D 55 3.98 5.70 21.92
CA SER D 55 3.99 7.14 21.70
C SER D 55 2.74 7.57 20.93
N SER D 56 2.39 8.85 21.09
CA SER D 56 1.25 9.40 20.36
C SER D 56 1.50 9.45 18.86
N LYS D 57 2.76 9.42 18.43
CA LYS D 57 3.05 9.25 17.01
C LYS D 57 2.89 7.80 16.58
N ALA D 58 2.93 6.86 17.51
CA ALA D 58 2.69 5.46 17.21
C ALA D 58 1.25 5.04 17.45
N MET D 59 0.51 5.76 18.29
CA MET D 59 -0.92 5.50 18.42
C MET D 59 -1.64 5.89 17.14
N GLY D 60 -1.21 6.97 16.49
CA GLY D 60 -1.74 7.37 15.21
C GLY D 60 -1.28 6.52 14.04
N ILE D 61 -0.48 5.50 14.30
CA ILE D 61 -0.12 4.52 13.29
C ILE D 61 -0.89 3.23 13.46
N MET D 62 -1.02 2.75 14.70
CA MET D 62 -1.88 1.61 14.95
C MET D 62 -3.34 1.94 14.69
N ASN D 63 -3.74 3.19 14.94
CA ASN D 63 -5.08 3.64 14.55
C ASN D 63 -5.30 3.46 13.06
N SER D 64 -4.32 3.87 12.25
CA SER D 64 -4.45 3.73 10.80
C SER D 64 -4.38 2.27 10.38
N PHE D 65 -3.58 1.45 11.05
CA PHE D 65 -3.54 0.03 10.74
C PHE D 65 -4.90 -0.62 10.96
N VAL D 66 -5.55 -0.31 12.07
CA VAL D 66 -6.89 -0.84 12.32
C VAL D 66 -7.86 -0.33 11.28
N ASN D 67 -7.82 0.98 10.99
CA ASN D 67 -8.76 1.56 10.04
C ASN D 67 -8.51 1.08 8.62
N ASP D 68 -7.34 0.51 8.35
CA ASP D 68 -7.04 0.00 7.01
C ASP D 68 -7.45 -1.47 6.88
N ILE D 69 -7.10 -2.29 7.87
CA ILE D 69 -7.47 -3.70 7.82
C ILE D 69 -8.98 -3.85 7.90
N PHE D 70 -9.65 -3.03 8.71
CA PHE D 70 -11.11 -3.05 8.74
C PHE D 70 -11.69 -2.84 7.35
N GLU D 71 -11.21 -1.82 6.65
CA GLU D 71 -11.74 -1.53 5.32
C GLU D 71 -11.44 -2.66 4.35
N ARG D 72 -10.25 -3.23 4.41
CA ARG D 72 -9.91 -4.33 3.51
C ARG D 72 -10.87 -5.50 3.70
N ILE D 73 -11.02 -5.96 4.95
CA ILE D 73 -11.85 -7.13 5.19
C ILE D 73 -13.32 -6.83 4.89
N ALA D 74 -13.78 -5.63 5.24
CA ALA D 74 -15.19 -5.29 4.98
C ALA D 74 -15.47 -5.21 3.48
N GLY D 75 -14.55 -4.63 2.71
CA GLY D 75 -14.75 -4.58 1.27
C GLY D 75 -14.75 -5.96 0.65
N GLU D 76 -13.85 -6.84 1.10
CA GLU D 76 -13.84 -8.19 0.56
C GLU D 76 -15.12 -8.93 0.93
N ALA D 77 -15.61 -8.75 2.16
CA ALA D 77 -16.86 -9.38 2.56
C ALA D 77 -18.02 -8.87 1.72
N SER D 78 -18.05 -7.57 1.43
CA SER D 78 -19.10 -7.01 0.59
C SER D 78 -19.06 -7.60 -0.81
N ARG D 79 -17.86 -7.72 -1.38
CA ARG D 79 -17.74 -8.33 -2.71
C ARG D 79 -18.21 -9.78 -2.69
N LEU D 80 -17.82 -10.54 -1.67
CA LEU D 80 -18.23 -11.93 -1.58
C LEU D 80 -19.74 -12.05 -1.45
N ALA D 81 -20.36 -11.19 -0.65
CA ALA D 81 -21.81 -11.22 -0.52
C ALA D 81 -22.49 -10.87 -1.84
N HIS D 82 -21.92 -9.93 -2.59
CA HIS D 82 -22.53 -9.53 -3.86
C HIS D 82 -22.38 -10.62 -4.91
N TYR D 83 -21.29 -11.39 -4.90
CA TYR D 83 -21.10 -12.42 -5.91
C TYR D 83 -22.19 -13.47 -5.84
N ASN D 84 -22.54 -13.91 -4.64
CA ASN D 84 -23.54 -14.96 -4.44
C ASN D 84 -24.95 -14.43 -4.39
N LYS D 85 -25.19 -13.21 -4.85
CA LYS D 85 -26.51 -12.59 -4.88
C LYS D 85 -27.13 -12.51 -3.50
N ARG D 86 -26.30 -12.49 -2.46
CA ARG D 86 -26.77 -12.31 -1.10
C ARG D 86 -26.79 -10.83 -0.75
N SER D 87 -27.64 -10.48 0.21
CA SER D 87 -27.73 -9.11 0.70
C SER D 87 -27.32 -8.97 2.15
N THR D 88 -26.97 -10.07 2.81
CA THR D 88 -26.59 -10.06 4.23
C THR D 88 -25.12 -10.45 4.36
N ILE D 89 -24.33 -9.57 4.95
CA ILE D 89 -22.96 -9.89 5.32
C ILE D 89 -23.00 -10.69 6.61
N THR D 90 -22.43 -11.88 6.60
CA THR D 90 -22.48 -12.78 7.74
C THR D 90 -21.07 -13.20 8.09
N SER D 91 -20.94 -14.00 9.16
CA SER D 91 -19.62 -14.47 9.58
C SER D 91 -18.96 -15.36 8.55
N ARG D 92 -19.73 -15.95 7.62
CA ARG D 92 -19.11 -16.72 6.56
C ARG D 92 -18.35 -15.82 5.60
N GLU D 93 -18.93 -14.68 5.23
CA GLU D 93 -18.21 -13.73 4.39
C GLU D 93 -17.00 -13.14 5.11
N ILE D 94 -17.12 -12.87 6.40
CA ILE D 94 -15.96 -12.38 7.15
C ILE D 94 -14.87 -13.44 7.21
N GLN D 95 -15.24 -14.70 7.44
CA GLN D 95 -14.27 -15.77 7.47
C GLN D 95 -13.58 -15.93 6.13
N THR D 96 -14.35 -15.90 5.05
CA THR D 96 -13.76 -16.06 3.73
C THR D 96 -12.87 -14.87 3.37
N ALA D 97 -13.26 -13.67 3.77
CA ALA D 97 -12.42 -12.50 3.54
C ALA D 97 -11.11 -12.60 4.30
N VAL D 98 -11.16 -13.02 5.56
CA VAL D 98 -9.93 -13.20 6.32
C VAL D 98 -9.06 -14.27 5.68
N ARG D 99 -9.69 -15.33 5.17
CA ARG D 99 -8.93 -16.37 4.48
C ARG D 99 -8.30 -15.86 3.20
N LEU D 100 -8.93 -14.90 2.53
CA LEU D 100 -8.42 -14.41 1.26
C LEU D 100 -7.31 -13.38 1.45
N LEU D 101 -7.48 -12.44 2.38
CA LEU D 101 -6.48 -11.38 2.54
C LEU D 101 -5.27 -11.85 3.34
N LEU D 102 -5.48 -12.26 4.57
CA LEU D 102 -4.36 -12.57 5.45
C LEU D 102 -3.61 -13.80 4.94
N PRO D 103 -2.28 -13.75 4.88
CA PRO D 103 -1.53 -14.90 4.35
C PRO D 103 -1.02 -15.83 5.43
N GLY D 104 -0.77 -17.09 5.06
CA GLY D 104 -0.05 -18.02 5.91
C GLY D 104 -0.72 -18.26 7.25
N GLU D 105 0.12 -18.48 8.26
CA GLU D 105 -0.37 -18.84 9.59
C GLU D 105 -1.35 -17.81 10.13
N LEU D 106 -1.20 -16.55 9.75
CA LEU D 106 -2.13 -15.52 10.16
C LEU D 106 -3.57 -15.92 9.83
N ALA D 107 -3.81 -16.27 8.56
CA ALA D 107 -5.16 -16.68 8.17
C ALA D 107 -5.58 -17.95 8.87
N LYS D 108 -4.61 -18.80 9.23
CA LYS D 108 -4.92 -19.99 10.01
C LYS D 108 -5.17 -19.66 11.47
N HIS D 109 -4.55 -18.59 11.98
CA HIS D 109 -4.71 -18.20 13.38
C HIS D 109 -5.86 -17.23 13.58
N ALA D 110 -5.93 -16.18 12.74
CA ALA D 110 -6.98 -15.17 12.88
C ALA D 110 -8.35 -15.80 12.91
N VAL D 111 -8.61 -16.68 11.95
CA VAL D 111 -9.91 -17.37 11.89
C VAL D 111 -10.18 -18.08 13.21
N SER D 112 -9.20 -18.81 13.73
CA SER D 112 -9.40 -19.55 14.97
C SER D 112 -9.75 -18.62 16.12
N GLU D 113 -9.30 -17.36 16.06
CA GLU D 113 -9.75 -16.39 17.04
C GLU D 113 -11.22 -16.05 16.82
N GLY D 114 -11.55 -15.60 15.61
CA GLY D 114 -12.89 -15.08 15.37
C GLY D 114 -13.97 -16.10 15.68
N THR D 115 -13.78 -17.33 15.20
CA THR D 115 -14.74 -18.39 15.48
C THR D 115 -15.01 -18.49 16.97
N LYS D 116 -13.94 -18.51 17.78
CA LYS D 116 -14.12 -18.59 19.22
C LYS D 116 -15.05 -17.49 19.69
N ALA D 117 -14.74 -16.25 19.33
CA ALA D 117 -15.59 -15.13 19.73
C ALA D 117 -17.03 -15.40 19.32
N VAL D 118 -17.24 -15.75 18.05
CA VAL D 118 -18.60 -15.98 17.57
C VAL D 118 -19.26 -17.07 18.39
N THR D 119 -18.56 -18.19 18.61
CA THR D 119 -19.21 -19.26 19.35
C THR D 119 -19.44 -18.84 20.79
N LYS D 120 -18.53 -18.04 21.36
CA LYS D 120 -18.79 -17.49 22.68
C LYS D 120 -20.01 -16.61 22.65
N TYR D 121 -20.15 -15.79 21.60
CA TYR D 121 -21.34 -14.97 21.45
C TYR D 121 -22.61 -15.82 21.46
N THR D 122 -22.52 -17.04 20.92
CA THR D 122 -23.69 -17.90 20.91
C THR D 122 -24.11 -18.26 22.33
N SER D 123 -23.14 -18.51 23.21
CA SER D 123 -23.46 -18.83 24.59
C SER D 123 -23.92 -17.61 25.38
N ALA D 124 -23.72 -16.41 24.86
CA ALA D 124 -24.12 -15.17 25.51
C ALA D 124 -23.56 -15.07 26.93
N PRO E 38 49.29 12.75 7.53
CA PRO E 38 47.97 12.92 8.15
C PRO E 38 47.10 11.68 8.00
N HIS E 39 46.21 11.46 8.97
CA HIS E 39 45.28 10.34 8.88
C HIS E 39 44.27 10.61 7.78
N ARG E 40 44.12 9.64 6.87
CA ARG E 40 43.19 9.79 5.77
C ARG E 40 42.57 8.44 5.49
N TYR E 41 41.25 8.33 5.69
CA TYR E 41 40.57 7.06 5.49
C TYR E 41 40.63 6.65 4.03
N ARG E 42 40.77 5.35 3.80
CA ARG E 42 40.77 4.83 2.44
C ARG E 42 39.40 5.06 1.80
N PRO E 43 39.36 5.41 0.51
CA PRO E 43 38.08 5.72 -0.12
C PRO E 43 37.10 4.57 0.00
N GLY E 44 35.87 4.91 0.36
CA GLY E 44 34.83 3.93 0.59
C GLY E 44 34.56 3.62 2.06
N THR E 45 35.51 3.90 2.95
CA THR E 45 35.28 3.64 4.37
C THR E 45 34.17 4.51 4.92
N VAL E 46 34.25 5.82 4.68
CA VAL E 46 33.21 6.72 5.13
C VAL E 46 31.89 6.43 4.42
N ALA E 47 31.93 5.78 3.26
CA ALA E 47 30.68 5.38 2.61
C ALA E 47 29.93 4.35 3.44
N LEU E 48 30.63 3.31 3.91
CA LEU E 48 29.99 2.34 4.80
C LEU E 48 29.60 2.97 6.13
N ARG E 49 30.44 3.87 6.64
CA ARG E 49 30.10 4.55 7.88
C ARG E 49 28.81 5.35 7.75
N GLU E 50 28.67 6.10 6.65
CA GLU E 50 27.46 6.85 6.38
C GLU E 50 26.27 5.91 6.17
N ILE E 51 26.49 4.79 5.49
CA ILE E 51 25.41 3.83 5.27
C ILE E 51 24.86 3.35 6.60
N ARG E 52 25.76 2.95 7.51
CA ARG E 52 25.31 2.49 8.83
C ARG E 52 24.59 3.61 9.57
N ARG E 53 25.18 4.81 9.55
CA ARG E 53 24.62 5.91 10.33
C ARG E 53 23.22 6.28 9.87
N TYR E 54 23.00 6.34 8.55
CA TYR E 54 21.72 6.76 8.02
C TYR E 54 20.70 5.64 7.93
N GLN E 55 21.14 4.38 7.93
CA GLN E 55 20.19 3.29 8.07
C GLN E 55 19.79 3.08 9.53
N LYS E 56 20.58 3.60 10.47
CA LYS E 56 20.19 3.54 11.87
C LYS E 56 19.14 4.58 12.23
N SER E 57 19.17 5.75 11.60
CA SER E 57 18.33 6.87 12.01
C SER E 57 16.95 6.77 11.37
N THR E 58 16.13 7.79 11.64
CA THR E 58 14.76 7.86 11.11
C THR E 58 14.37 9.22 10.58
N GLU E 59 15.14 10.28 10.84
CA GLU E 59 14.74 11.63 10.44
C GLU E 59 14.77 11.78 8.93
N LEU E 60 14.08 12.81 8.45
CA LEU E 60 14.05 13.09 7.02
C LEU E 60 15.39 13.69 6.58
N LEU E 61 15.81 13.34 5.37
CA LEU E 61 17.12 13.75 4.89
C LEU E 61 17.08 15.04 4.09
N ILE E 62 15.96 15.36 3.45
CA ILE E 62 15.84 16.61 2.71
C ILE E 62 15.49 17.74 3.67
N ARG E 63 16.12 18.89 3.49
CA ARG E 63 15.84 20.02 4.36
C ARG E 63 14.39 20.47 4.18
N LYS E 64 13.79 20.94 5.27
CA LYS E 64 12.35 21.18 5.28
C LYS E 64 11.97 22.37 4.39
N LEU E 65 12.70 23.47 4.49
CA LEU E 65 12.36 24.65 3.70
C LEU E 65 12.45 24.43 2.20
N PRO E 66 13.53 23.85 1.64
CA PRO E 66 13.53 23.60 0.19
C PRO E 66 12.41 22.69 -0.28
N PHE E 67 12.05 21.69 0.51
CA PHE E 67 10.95 20.82 0.11
C PHE E 67 9.62 21.54 0.18
N GLN E 68 9.44 22.40 1.19
CA GLN E 68 8.22 23.20 1.26
C GLN E 68 8.11 24.11 0.04
N ARG E 69 9.22 24.73 -0.36
CA ARG E 69 9.21 25.57 -1.55
C ARG E 69 8.87 24.75 -2.80
N LEU E 70 9.46 23.55 -2.91
CA LEU E 70 9.18 22.71 -4.07
C LEU E 70 7.72 22.30 -4.12
N VAL E 71 7.15 21.93 -2.97
CA VAL E 71 5.75 21.53 -2.93
C VAL E 71 4.85 22.69 -3.34
N ARG E 72 5.13 23.88 -2.82
CA ARG E 72 4.32 25.05 -3.18
C ARG E 72 4.45 25.36 -4.67
N GLU E 73 5.67 25.28 -5.20
CA GLU E 73 5.89 25.57 -6.62
C GLU E 73 5.13 24.58 -7.50
N ILE E 74 5.16 23.30 -7.15
CA ILE E 74 4.47 22.30 -7.96
C ILE E 74 2.96 22.49 -7.87
N ALA E 75 2.44 22.69 -6.64
CA ALA E 75 1.00 22.79 -6.48
C ALA E 75 0.43 24.09 -7.01
N GLN E 76 1.26 25.11 -7.20
CA GLN E 76 0.74 26.38 -7.73
C GLN E 76 0.23 26.23 -9.15
N ASP E 77 0.77 25.28 -9.92
CA ASP E 77 0.28 25.06 -11.28
C ASP E 77 -1.16 24.59 -11.30
N PHE E 78 -1.48 23.56 -10.52
CA PHE E 78 -2.79 22.94 -10.59
C PHE E 78 -3.88 23.89 -10.09
N LYS E 79 -3.66 24.56 -8.97
CA LYS E 79 -4.60 25.53 -8.44
C LYS E 79 -3.81 26.71 -7.90
N THR E 80 -4.45 27.88 -7.89
CA THR E 80 -3.79 29.10 -7.48
C THR E 80 -4.26 29.51 -6.10
N ASP E 81 -3.39 30.25 -5.39
CA ASP E 81 -3.66 30.74 -4.04
C ASP E 81 -4.07 29.60 -3.12
N LEU E 82 -3.36 28.49 -3.22
CA LEU E 82 -3.61 27.32 -2.40
C LEU E 82 -3.03 27.50 -1.01
N ARG E 83 -3.49 26.67 -0.08
CA ARG E 83 -2.96 26.62 1.26
C ARG E 83 -2.70 25.17 1.64
N PHE E 84 -1.66 24.96 2.43
CA PHE E 84 -1.23 23.63 2.86
C PHE E 84 -1.20 23.58 4.37
N GLN E 85 -1.82 22.55 4.94
CA GLN E 85 -1.57 22.25 6.34
C GLN E 85 -0.14 21.74 6.50
N SER E 86 0.47 22.08 7.63
CA SER E 86 1.81 21.58 7.92
C SER E 86 1.85 20.06 7.85
N SER E 87 0.76 19.40 8.28
CA SER E 87 0.67 17.95 8.18
C SER E 87 0.70 17.50 6.72
N ALA E 88 0.11 18.29 5.81
CA ALA E 88 0.12 17.92 4.40
C ALA E 88 1.54 17.90 3.86
N VAL E 89 2.31 18.95 4.12
CA VAL E 89 3.68 19.00 3.63
C VAL E 89 4.51 17.90 4.28
N MET E 90 4.33 17.66 5.58
CA MET E 90 5.08 16.61 6.24
C MET E 90 4.76 15.23 5.66
N ALA E 91 3.48 14.95 5.40
CA ALA E 91 3.11 13.67 4.81
C ALA E 91 3.67 13.51 3.42
N LEU E 92 3.61 14.57 2.61
CA LEU E 92 4.18 14.51 1.27
C LEU E 92 5.68 14.23 1.32
N GLN E 93 6.38 14.90 2.24
CA GLN E 93 7.82 14.68 2.37
C GLN E 93 8.12 13.26 2.81
N GLU E 94 7.37 12.74 3.77
CA GLU E 94 7.61 11.37 4.22
C GLU E 94 7.40 10.37 3.09
N ALA E 95 6.34 10.54 2.32
CA ALA E 95 6.08 9.64 1.20
C ALA E 95 7.20 9.73 0.17
N CYS E 96 7.66 10.95 -0.14
CA CYS E 96 8.71 11.11 -1.13
C CYS E 96 10.01 10.45 -0.70
N GLU E 97 10.39 10.62 0.57
CA GLU E 97 11.61 9.99 1.05
C GLU E 97 11.50 8.47 1.03
N ALA E 98 10.35 7.93 1.42
CA ALA E 98 10.18 6.47 1.39
C ALA E 98 10.29 5.95 -0.04
N TYR E 99 9.63 6.62 -0.98
CA TYR E 99 9.68 6.19 -2.38
C TYR E 99 11.11 6.24 -2.91
N LEU E 100 11.82 7.33 -2.63
CA LEU E 100 13.19 7.45 -3.14
C LEU E 100 14.11 6.41 -2.53
N VAL E 101 13.94 6.11 -1.25
CA VAL E 101 14.78 5.09 -0.61
C VAL E 101 14.53 3.72 -1.25
N GLY E 102 13.26 3.37 -1.46
CA GLY E 102 12.98 2.10 -2.11
C GLY E 102 13.54 2.03 -3.52
N LEU E 103 13.40 3.12 -4.27
CA LEU E 103 13.94 3.16 -5.62
C LEU E 103 15.45 3.00 -5.61
N PHE E 104 16.12 3.57 -4.60
CA PHE E 104 17.57 3.45 -4.51
C PHE E 104 17.99 2.04 -4.16
N GLU E 105 17.21 1.33 -3.32
CA GLU E 105 17.51 -0.08 -3.09
C GLU E 105 17.41 -0.88 -4.38
N ASP E 106 16.35 -0.64 -5.17
CA ASP E 106 16.21 -1.35 -6.44
C ASP E 106 17.36 -1.01 -7.39
N THR E 107 17.75 0.26 -7.43
CA THR E 107 18.86 0.67 -8.27
C THR E 107 20.16 0.00 -7.86
N ASN E 108 20.40 -0.11 -6.56
CA ASN E 108 21.61 -0.78 -6.08
C ASN E 108 21.61 -2.24 -6.47
N LEU E 109 20.45 -2.90 -6.39
CA LEU E 109 20.39 -4.29 -6.84
C LEU E 109 20.70 -4.40 -8.33
N CYS E 110 20.15 -3.48 -9.13
CA CYS E 110 20.45 -3.49 -10.57
C CYS E 110 21.93 -3.26 -10.83
N ALA E 111 22.57 -2.41 -10.02
CA ALA E 111 24.01 -2.16 -10.18
C ALA E 111 24.82 -3.39 -9.85
N ILE E 112 24.48 -4.07 -8.74
CA ILE E 112 25.22 -5.27 -8.34
C ILE E 112 25.02 -6.38 -9.36
N HIS E 113 23.85 -6.42 -10.00
CA HIS E 113 23.61 -7.46 -11.01
C HIS E 113 24.59 -7.37 -12.16
N ALA E 114 24.93 -6.15 -12.59
CA ALA E 114 25.79 -5.94 -13.74
C ALA E 114 27.27 -5.97 -13.39
N LYS E 115 27.62 -6.57 -12.25
CA LYS E 115 29.02 -6.68 -11.80
C LYS E 115 29.65 -5.30 -11.60
N ARG E 116 28.90 -4.41 -10.96
CA ARG E 116 29.35 -3.06 -10.68
C ARG E 116 29.08 -2.72 -9.23
N VAL E 117 29.70 -1.65 -8.75
CA VAL E 117 29.46 -1.15 -7.41
C VAL E 117 28.81 0.23 -7.41
N THR E 118 28.97 1.01 -8.48
CA THR E 118 28.43 2.36 -8.55
C THR E 118 27.11 2.35 -9.30
N ILE E 119 26.09 2.99 -8.75
CA ILE E 119 24.79 3.07 -9.39
C ILE E 119 24.81 4.15 -10.45
N MET E 120 24.34 3.81 -11.65
CA MET E 120 24.34 4.74 -12.77
C MET E 120 22.90 5.04 -13.17
N PRO E 121 22.65 6.00 -14.06
CA PRO E 121 21.26 6.26 -14.49
C PRO E 121 20.58 5.06 -15.15
N LYS E 122 21.33 4.22 -15.86
CA LYS E 122 20.70 3.08 -16.53
C LYS E 122 20.12 2.10 -15.53
N ASP E 123 20.71 2.01 -14.33
CA ASP E 123 20.15 1.16 -13.30
C ASP E 123 18.82 1.72 -12.78
N ILE E 124 18.74 3.03 -12.58
CA ILE E 124 17.48 3.64 -12.21
C ILE E 124 16.43 3.39 -13.28
N GLN E 125 16.81 3.55 -14.54
CA GLN E 125 15.87 3.35 -15.63
C GLN E 125 15.37 1.91 -15.66
N LEU E 126 16.27 0.95 -15.49
CA LEU E 126 15.87 -0.45 -15.50
C LEU E 126 14.93 -0.76 -14.33
N ALA E 127 15.25 -0.26 -13.14
CA ALA E 127 14.38 -0.51 -11.99
C ALA E 127 13.00 0.08 -12.20
N ARG E 128 12.93 1.30 -12.73
CA ARG E 128 11.63 1.93 -12.96
C ARG E 128 10.86 1.24 -14.08
N ARG E 129 11.56 0.68 -15.06
CA ARG E 129 10.87 -0.03 -16.13
C ARG E 129 10.32 -1.37 -15.64
N ILE E 130 11.10 -2.09 -14.84
CA ILE E 130 10.64 -3.38 -14.35
C ILE E 130 9.52 -3.21 -13.33
N ARG E 131 9.63 -2.21 -12.46
CA ARG E 131 8.59 -1.98 -11.45
C ARG E 131 7.26 -1.61 -12.06
N GLY E 132 7.24 -1.21 -13.34
CA GLY E 132 6.01 -0.79 -13.97
C GLY E 132 5.71 0.69 -13.84
N GLU E 133 6.67 1.49 -13.40
CA GLU E 133 6.48 2.93 -13.23
C GLU E 133 6.76 3.72 -14.49
N ARG E 134 6.68 3.08 -15.67
CA ARG E 134 6.97 3.69 -16.96
C ARG E 134 8.16 4.63 -16.94
N LYS F 20 5.01 36.11 -4.18
CA LYS F 20 4.44 34.85 -3.72
C LYS F 20 4.87 33.69 -4.61
N VAL F 21 4.99 33.95 -5.91
CA VAL F 21 5.36 32.91 -6.86
C VAL F 21 6.79 32.46 -6.61
N LEU F 22 7.10 31.24 -7.05
CA LEU F 22 8.39 30.61 -6.82
C LEU F 22 8.91 30.02 -8.12
N ARG F 23 10.23 29.94 -8.23
CA ARG F 23 10.84 29.37 -9.43
C ARG F 23 12.23 28.87 -9.07
N ASP F 24 12.62 27.78 -9.73
CA ASP F 24 13.91 27.10 -9.54
C ASP F 24 14.02 26.69 -8.06
N ASN F 25 13.21 25.68 -7.72
CA ASN F 25 13.24 25.07 -6.41
C ASN F 25 13.64 23.60 -6.43
N ILE F 26 13.65 22.95 -7.59
CA ILE F 26 14.08 21.56 -7.66
C ILE F 26 15.57 21.44 -7.41
N GLN F 27 16.33 22.52 -7.61
CA GLN F 27 17.75 22.50 -7.24
C GLN F 27 17.95 22.57 -5.74
N GLY F 28 16.90 22.85 -4.96
CA GLY F 28 16.99 22.79 -3.52
C GLY F 28 17.06 21.38 -2.97
N ILE F 29 16.79 20.38 -3.79
CA ILE F 29 17.05 19.00 -3.42
C ILE F 29 18.53 18.77 -3.68
N THR F 30 19.35 19.02 -2.66
CA THR F 30 20.78 19.19 -2.85
C THR F 30 21.45 17.86 -3.18
N LYS F 31 22.68 17.96 -3.66
CA LYS F 31 23.49 16.76 -3.90
C LYS F 31 23.80 16.01 -2.60
N PRO F 32 24.19 16.66 -1.51
CA PRO F 32 24.34 15.90 -0.24
C PRO F 32 23.04 15.26 0.23
N ALA F 33 21.90 15.90 0.03
CA ALA F 33 20.64 15.28 0.46
C ALA F 33 20.32 14.03 -0.33
N ILE F 34 20.51 14.08 -1.65
CA ILE F 34 20.31 12.90 -2.47
C ILE F 34 21.32 11.81 -2.10
N ARG F 35 22.55 12.21 -1.80
CA ARG F 35 23.54 11.23 -1.37
C ARG F 35 23.14 10.57 -0.05
N ARG F 36 22.58 11.34 0.87
CA ARG F 36 22.10 10.76 2.13
C ARG F 36 20.94 9.80 1.89
N LEU F 37 20.02 10.17 0.99
CA LEU F 37 18.91 9.28 0.67
C LEU F 37 19.42 7.99 0.03
N ALA F 38 20.48 8.08 -0.77
CA ALA F 38 21.08 6.88 -1.34
C ALA F 38 21.80 6.06 -0.28
N ARG F 39 22.45 6.73 0.67
CA ARG F 39 23.13 6.03 1.76
C ARG F 39 22.14 5.23 2.59
N ARG F 40 20.98 5.82 2.88
CA ARG F 40 19.94 5.04 3.55
C ARG F 40 19.47 3.87 2.70
N GLY F 41 19.50 4.03 1.38
CA GLY F 41 19.16 2.94 0.49
C GLY F 41 20.21 1.86 0.37
N GLY F 42 21.38 2.08 0.96
CA GLY F 42 22.42 1.08 1.01
C GLY F 42 23.49 1.17 -0.07
N VAL F 43 23.42 2.17 -0.93
CA VAL F 43 24.40 2.28 -2.01
C VAL F 43 25.71 2.83 -1.45
N LYS F 44 26.81 2.36 -2.03
CA LYS F 44 28.16 2.71 -1.58
C LYS F 44 28.85 3.70 -2.48
N ARG F 45 28.71 3.57 -3.80
CA ARG F 45 29.31 4.48 -4.75
C ARG F 45 28.21 5.07 -5.63
N ILE F 46 28.36 6.35 -5.97
CA ILE F 46 27.32 7.09 -6.65
C ILE F 46 27.92 7.72 -7.90
N SER F 47 27.32 7.42 -9.05
CA SER F 47 27.73 8.09 -10.28
C SER F 47 27.30 9.55 -10.26
N GLY F 48 28.11 10.40 -10.88
CA GLY F 48 27.82 11.82 -10.87
C GLY F 48 26.59 12.23 -11.66
N LEU F 49 25.97 11.30 -12.37
CA LEU F 49 24.82 11.60 -13.22
C LEU F 49 23.50 11.18 -12.62
N ILE F 50 23.48 10.64 -11.39
CA ILE F 50 22.20 10.19 -10.84
C ILE F 50 21.47 11.29 -10.10
N TYR F 51 22.11 12.43 -9.87
CA TYR F 51 21.45 13.51 -9.14
C TYR F 51 20.30 14.12 -9.96
N GLU F 52 20.57 14.43 -11.22
CA GLU F 52 19.52 14.96 -12.08
C GLU F 52 18.43 13.92 -12.31
N GLU F 53 18.82 12.65 -12.44
CA GLU F 53 17.84 11.58 -12.60
C GLU F 53 16.91 11.49 -11.39
N THR F 54 17.47 11.54 -10.19
CA THR F 54 16.66 11.49 -8.98
C THR F 54 15.78 12.72 -8.85
N ARG F 55 16.29 13.89 -9.26
CA ARG F 55 15.46 15.09 -9.24
C ARG F 55 14.27 14.95 -10.17
N GLY F 56 14.49 14.42 -11.38
CA GLY F 56 13.37 14.21 -12.29
C GLY F 56 12.36 13.21 -11.76
N VAL F 57 12.84 12.09 -11.20
CA VAL F 57 11.94 11.06 -10.68
C VAL F 57 11.12 11.63 -9.53
N LEU F 58 11.76 12.34 -8.61
CA LEU F 58 11.06 12.94 -7.49
C LEU F 58 10.03 13.95 -7.97
N LYS F 59 10.38 14.76 -8.96
CA LYS F 59 9.44 15.74 -9.48
C LYS F 59 8.21 15.06 -10.08
N VAL F 60 8.41 13.97 -10.81
CA VAL F 60 7.26 13.26 -11.41
C VAL F 60 6.37 12.69 -10.32
N PHE F 61 6.96 12.04 -9.31
CA PHE F 61 6.19 11.46 -8.23
C PHE F 61 5.41 12.54 -7.48
N LEU F 62 6.06 13.64 -7.16
CA LEU F 62 5.39 14.75 -6.48
C LEU F 62 4.29 15.33 -7.34
N GLU F 63 4.51 15.46 -8.64
CA GLU F 63 3.49 16.00 -9.52
C GLU F 63 2.23 15.15 -9.45
N ASN F 64 2.38 13.83 -9.56
CA ASN F 64 1.21 12.95 -9.52
C ASN F 64 0.47 13.08 -8.19
N VAL F 65 1.21 12.95 -7.08
CA VAL F 65 0.54 12.93 -5.79
C VAL F 65 -0.11 14.28 -5.49
N ILE F 66 0.58 15.38 -5.82
CA ILE F 66 0.03 16.71 -5.54
C ILE F 66 -1.17 16.99 -6.43
N ARG F 67 -1.15 16.53 -7.68
CA ARG F 67 -2.31 16.70 -8.54
C ARG F 67 -3.52 16.00 -7.95
N ASP F 68 -3.35 14.76 -7.49
CA ASP F 68 -4.48 14.06 -6.90
C ASP F 68 -4.95 14.72 -5.61
N ALA F 69 -4.02 15.17 -4.77
CA ALA F 69 -4.40 15.83 -3.51
C ALA F 69 -5.17 17.12 -3.76
N VAL F 70 -4.70 17.94 -4.71
CA VAL F 70 -5.41 19.18 -5.02
C VAL F 70 -6.74 18.87 -5.70
N THR F 71 -6.85 17.76 -6.43
CA THR F 71 -8.16 17.37 -6.95
C THR F 71 -9.14 17.10 -5.81
N TYR F 72 -8.69 16.35 -4.80
CA TYR F 72 -9.54 16.12 -3.63
C TYR F 72 -9.91 17.42 -2.93
N THR F 73 -8.93 18.31 -2.77
CA THR F 73 -9.19 19.59 -2.12
C THR F 73 -10.21 20.41 -2.89
N GLU F 74 -10.09 20.42 -4.22
CA GLU F 74 -11.06 21.16 -5.05
C GLU F 74 -12.45 20.57 -4.92
N HIS F 75 -12.55 19.24 -4.89
CA HIS F 75 -13.87 18.63 -4.70
C HIS F 75 -14.43 18.95 -3.33
N ALA F 76 -13.59 19.16 -2.34
CA ALA F 76 -14.09 19.51 -1.01
C ALA F 76 -14.54 20.96 -0.92
N LYS F 77 -14.41 21.75 -1.99
CA LYS F 77 -14.73 23.17 -1.99
C LYS F 77 -13.89 23.93 -0.96
N ARG F 78 -12.63 23.54 -0.83
CA ARG F 78 -11.73 24.09 0.15
C ARG F 78 -10.54 24.75 -0.53
N LYS F 79 -10.06 25.84 0.07
CA LYS F 79 -8.88 26.52 -0.41
C LYS F 79 -7.61 26.04 0.26
N THR F 80 -7.71 25.06 1.16
CA THR F 80 -6.55 24.52 1.87
C THR F 80 -6.41 23.04 1.55
N VAL F 81 -5.17 22.57 1.57
CA VAL F 81 -4.86 21.15 1.35
C VAL F 81 -4.49 20.57 2.72
N THR F 82 -5.20 19.53 3.12
CA THR F 82 -4.99 18.91 4.42
C THR F 82 -4.25 17.59 4.27
N ALA F 83 -3.90 17.01 5.41
CA ALA F 83 -3.17 15.74 5.41
C ALA F 83 -4.01 14.61 4.84
N MET F 84 -5.32 14.63 5.09
CA MET F 84 -6.16 13.52 4.65
C MET F 84 -6.26 13.48 3.13
N ASP F 85 -6.28 14.64 2.48
CA ASP F 85 -6.27 14.65 1.02
C ASP F 85 -5.03 13.98 0.46
N VAL F 86 -3.87 14.26 1.06
CA VAL F 86 -2.62 13.63 0.64
C VAL F 86 -2.67 12.13 0.90
N VAL F 87 -3.19 11.73 2.05
CA VAL F 87 -3.25 10.31 2.38
C VAL F 87 -4.14 9.56 1.40
N TYR F 88 -5.31 10.14 1.06
CA TYR F 88 -6.18 9.51 0.07
C TYR F 88 -5.52 9.48 -1.30
N ALA F 89 -4.83 10.56 -1.68
CA ALA F 89 -4.16 10.59 -2.97
C ALA F 89 -3.11 9.49 -3.05
N LEU F 90 -2.38 9.28 -1.96
CA LEU F 90 -1.37 8.22 -1.95
C LEU F 90 -2.01 6.85 -1.97
N LYS F 91 -3.09 6.66 -1.21
CA LYS F 91 -3.78 5.37 -1.19
C LYS F 91 -4.31 5.00 -2.56
N ARG F 92 -4.73 6.00 -3.35
CA ARG F 92 -5.23 5.71 -4.69
C ARG F 92 -4.14 5.18 -5.61
N GLN F 93 -2.87 5.37 -5.26
CA GLN F 93 -1.75 4.85 -6.05
C GLN F 93 -1.14 3.59 -5.45
N GLY F 94 -1.79 3.00 -4.46
CA GLY F 94 -1.21 1.85 -3.78
C GLY F 94 0.04 2.17 -3.00
N ARG F 95 0.04 3.29 -2.28
CA ARG F 95 1.14 3.72 -1.44
C ARG F 95 0.62 4.14 -0.08
N THR F 96 -0.21 3.30 0.54
CA THR F 96 -0.86 3.62 1.80
C THR F 96 0.14 4.11 2.82
N LEU F 97 -0.18 5.23 3.46
CA LEU F 97 0.69 5.88 4.42
C LEU F 97 0.08 5.81 5.81
N TYR F 98 0.86 5.37 6.79
CA TYR F 98 0.43 5.26 8.18
C TYR F 98 1.07 6.38 8.99
N GLY F 99 0.25 7.07 9.78
CA GLY F 99 0.80 8.05 10.70
C GLY F 99 0.11 9.40 10.68
N PHE F 100 -0.52 9.74 9.57
CA PHE F 100 -1.18 11.04 9.43
C PHE F 100 -2.69 10.93 9.26
N GLY F 101 -3.25 9.73 9.26
CA GLY F 101 -4.67 9.55 9.05
C GLY F 101 -5.48 9.54 10.32
N LYS G 15 -39.27 8.35 -25.00
CA LYS G 15 -39.47 8.93 -23.68
C LYS G 15 -38.50 8.32 -22.68
N THR G 16 -37.62 7.45 -23.16
CA THR G 16 -36.63 6.82 -22.29
C THR G 16 -35.63 7.86 -21.80
N ARG G 17 -34.92 7.50 -20.73
CA ARG G 17 -33.97 8.44 -20.13
C ARG G 17 -32.77 8.69 -21.04
N SER G 18 -32.38 7.70 -21.83
CA SER G 18 -31.26 7.88 -22.75
C SER G 18 -31.59 8.93 -23.81
N SER G 19 -32.83 8.91 -24.32
CA SER G 19 -33.21 9.85 -25.37
C SER G 19 -33.17 11.29 -24.87
N ARG G 20 -33.63 11.53 -23.64
CA ARG G 20 -33.57 12.88 -23.09
C ARG G 20 -32.14 13.37 -22.98
N ALA G 21 -31.23 12.50 -22.52
CA ALA G 21 -29.82 12.85 -22.44
C ALA G 21 -29.09 12.67 -23.76
N GLY G 22 -29.72 12.05 -24.75
CA GLY G 22 -29.10 11.86 -26.04
C GLY G 22 -27.92 10.90 -26.02
N LEU G 23 -28.04 9.78 -25.32
CA LEU G 23 -27.01 8.76 -25.28
C LEU G 23 -27.53 7.46 -25.84
N GLN G 24 -26.61 6.60 -26.27
CA GLN G 24 -26.96 5.25 -26.71
C GLN G 24 -26.71 4.20 -25.64
N PHE G 25 -26.01 4.54 -24.56
CA PHE G 25 -25.88 3.69 -23.40
C PHE G 25 -27.08 3.90 -22.47
N PRO G 26 -27.47 2.87 -21.71
CA PRO G 26 -28.64 3.02 -20.85
C PRO G 26 -28.37 3.98 -19.71
N VAL G 27 -29.43 4.64 -19.25
CA VAL G 27 -29.38 5.49 -18.08
C VAL G 27 -30.22 4.94 -16.94
N GLY G 28 -31.40 4.39 -17.26
CA GLY G 28 -32.18 3.72 -16.24
C GLY G 28 -31.49 2.49 -15.68
N ARG G 29 -30.86 1.70 -16.57
CA ARG G 29 -30.12 0.53 -16.11
C ARG G 29 -28.92 0.93 -15.25
N VAL G 30 -28.24 2.02 -15.62
CA VAL G 30 -27.13 2.50 -14.82
C VAL G 30 -27.61 2.99 -13.47
N HIS G 31 -28.78 3.63 -13.43
CA HIS G 31 -29.36 4.03 -12.15
C HIS G 31 -29.68 2.83 -11.29
N ARG G 32 -30.25 1.78 -11.89
CA ARG G 32 -30.54 0.57 -11.13
C ARG G 32 -29.27 -0.09 -10.61
N LEU G 33 -28.21 -0.08 -11.41
CA LEU G 33 -26.94 -0.68 -10.98
C LEU G 33 -26.25 0.18 -9.92
N LEU G 34 -26.51 1.49 -9.92
CA LEU G 34 -25.97 2.34 -8.86
C LEU G 34 -26.72 2.14 -7.56
N ARG G 35 -28.04 1.95 -7.64
CA ARG G 35 -28.83 1.74 -6.44
C ARG G 35 -28.62 0.35 -5.84
N LYS G 36 -28.56 -0.67 -6.69
CA LYS G 36 -28.44 -2.05 -6.23
C LYS G 36 -27.02 -2.45 -5.86
N GLY G 37 -26.04 -1.62 -6.17
CA GLY G 37 -24.66 -1.90 -5.85
C GLY G 37 -24.16 -1.26 -4.57
N ASN G 38 -25.08 -0.70 -3.77
CA ASN G 38 -24.81 -0.07 -2.47
C ASN G 38 -23.47 0.68 -2.47
N TYR G 39 -23.32 1.59 -3.42
CA TYR G 39 -22.23 2.56 -3.38
C TYR G 39 -22.57 3.72 -2.47
N SER G 40 -23.85 4.10 -2.41
CA SER G 40 -24.31 5.19 -1.57
C SER G 40 -25.79 4.99 -1.29
N GLU G 41 -26.27 5.70 -0.27
CA GLU G 41 -27.68 5.60 0.10
C GLU G 41 -28.58 6.27 -0.94
N ARG G 42 -28.15 7.43 -1.46
CA ARG G 42 -28.91 8.18 -2.43
C ARG G 42 -28.07 8.38 -3.70
N VAL G 43 -28.73 8.34 -4.84
CA VAL G 43 -28.09 8.57 -6.14
C VAL G 43 -28.79 9.75 -6.80
N GLY G 44 -28.01 10.76 -7.17
CA GLY G 44 -28.59 11.98 -7.71
C GLY G 44 -29.20 11.78 -9.08
N ALA G 45 -29.84 12.83 -9.58
CA ALA G 45 -30.51 12.77 -10.87
C ALA G 45 -29.49 12.67 -12.01
N GLY G 46 -28.48 13.54 -12.01
CA GLY G 46 -27.52 13.58 -13.08
C GLY G 46 -26.38 12.59 -12.97
N ALA G 47 -26.31 11.86 -11.86
CA ALA G 47 -25.23 10.87 -11.70
C ALA G 47 -25.27 9.76 -12.74
N PRO G 48 -26.39 9.05 -12.96
CA PRO G 48 -26.41 8.05 -14.02
C PRO G 48 -26.16 8.64 -15.38
N VAL G 49 -26.63 9.86 -15.63
CA VAL G 49 -26.43 10.50 -16.92
C VAL G 49 -24.95 10.74 -17.19
N TYR G 50 -24.26 11.34 -16.21
CA TYR G 50 -22.83 11.59 -16.35
C TYR G 50 -22.07 10.27 -16.51
N LEU G 51 -22.40 9.27 -15.70
CA LEU G 51 -21.70 8.00 -15.77
C LEU G 51 -21.90 7.32 -17.12
N ALA G 52 -23.14 7.34 -17.63
CA ALA G 52 -23.41 6.72 -18.92
C ALA G 52 -22.72 7.47 -20.06
N ALA G 53 -22.68 8.80 -19.99
CA ALA G 53 -21.97 9.56 -21.02
C ALA G 53 -20.49 9.23 -21.02
N VAL G 54 -19.88 9.15 -19.84
CA VAL G 54 -18.45 8.84 -19.77
C VAL G 54 -18.18 7.42 -20.26
N LEU G 55 -19.03 6.46 -19.87
CA LEU G 55 -18.86 5.09 -20.35
C LEU G 55 -19.00 5.03 -21.87
N GLU G 56 -19.97 5.76 -22.42
CA GLU G 56 -20.17 5.80 -23.86
C GLU G 56 -18.95 6.39 -24.56
N TYR G 57 -18.38 7.46 -24.00
CA TYR G 57 -17.20 8.07 -24.60
C TYR G 57 -16.03 7.10 -24.61
N LEU G 58 -15.77 6.45 -23.47
CA LEU G 58 -14.63 5.53 -23.40
C LEU G 58 -14.81 4.36 -24.35
N THR G 59 -16.02 3.79 -24.40
CA THR G 59 -16.29 2.70 -25.31
C THR G 59 -16.16 3.14 -26.76
N ALA G 60 -16.60 4.37 -27.08
CA ALA G 60 -16.48 4.86 -28.44
C ALA G 60 -15.01 5.02 -28.84
N GLU G 61 -14.18 5.53 -27.94
CA GLU G 61 -12.76 5.66 -28.25
C GLU G 61 -12.12 4.30 -28.48
N ILE G 62 -12.41 3.34 -27.60
CA ILE G 62 -11.85 2.00 -27.75
C ILE G 62 -12.30 1.38 -29.07
N LEU G 63 -13.59 1.53 -29.39
CA LEU G 63 -14.13 0.95 -30.61
C LEU G 63 -13.56 1.60 -31.86
N GLU G 64 -13.37 2.92 -31.83
CA GLU G 64 -12.76 3.59 -32.97
C GLU G 64 -11.34 3.10 -33.22
N LEU G 65 -10.54 3.01 -32.15
CA LEU G 65 -9.18 2.53 -32.30
C LEU G 65 -9.15 1.09 -32.80
N ALA G 66 -10.01 0.24 -32.24
CA ALA G 66 -10.04 -1.16 -32.66
C ALA G 66 -10.50 -1.30 -34.11
N GLY G 67 -11.47 -0.48 -34.52
CA GLY G 67 -11.92 -0.52 -35.90
C GLY G 67 -10.86 -0.07 -36.88
N ASN G 68 -10.11 0.97 -36.53
CA ASN G 68 -8.99 1.38 -37.37
C ASN G 68 -7.96 0.26 -37.48
N ALA G 69 -7.67 -0.40 -36.35
CA ALA G 69 -6.72 -1.51 -36.38
C ALA G 69 -7.22 -2.65 -37.25
N ALA G 70 -8.52 -2.96 -37.17
CA ALA G 70 -9.09 -4.02 -38.00
C ALA G 70 -9.04 -3.65 -39.48
N ARG G 71 -9.33 -2.38 -39.80
CA ARG G 71 -9.27 -1.92 -41.18
C ARG G 71 -7.85 -2.04 -41.73
N ASP G 72 -6.85 -1.64 -40.95
CA ASP G 72 -5.47 -1.84 -41.36
C ASP G 72 -5.07 -3.31 -41.41
N ASN G 73 -5.88 -4.19 -40.83
CA ASN G 73 -5.61 -5.62 -40.84
C ASN G 73 -6.31 -6.33 -41.99
N LYS G 74 -7.12 -5.61 -42.78
CA LYS G 74 -7.89 -6.18 -43.88
C LYS G 74 -8.86 -7.24 -43.38
N LYS G 75 -9.65 -6.87 -42.36
CA LYS G 75 -10.61 -7.78 -41.75
C LYS G 75 -11.92 -7.05 -41.53
N THR G 76 -13.00 -7.82 -41.48
CA THR G 76 -14.34 -7.27 -41.33
C THR G 76 -14.85 -7.32 -39.89
N ARG G 77 -14.42 -8.30 -39.10
CA ARG G 77 -14.87 -8.47 -37.74
C ARG G 77 -13.74 -8.13 -36.77
N ILE G 78 -14.11 -7.52 -35.65
CA ILE G 78 -13.15 -7.17 -34.61
C ILE G 78 -12.97 -8.37 -33.69
N ILE G 79 -11.72 -8.78 -33.49
CA ILE G 79 -11.40 -9.93 -32.65
C ILE G 79 -10.54 -9.45 -31.48
N PRO G 80 -10.28 -10.27 -30.47
CA PRO G 80 -9.48 -9.79 -29.33
C PRO G 80 -8.10 -9.27 -29.70
N ARG G 81 -7.50 -9.78 -30.76
CA ARG G 81 -6.19 -9.27 -31.17
C ARG G 81 -6.26 -7.79 -31.54
N HIS G 82 -7.31 -7.40 -32.25
CA HIS G 82 -7.47 -6.01 -32.64
C HIS G 82 -7.65 -5.12 -31.43
N LEU G 83 -8.46 -5.56 -30.45
CA LEU G 83 -8.64 -4.79 -29.24
C LEU G 83 -7.33 -4.65 -28.49
N GLN G 84 -6.55 -5.73 -28.40
CA GLN G 84 -5.28 -5.66 -27.69
C GLN G 84 -4.32 -4.69 -28.38
N LEU G 85 -4.25 -4.74 -29.71
CA LEU G 85 -3.40 -3.79 -30.43
C LEU G 85 -3.85 -2.37 -30.20
N ALA G 86 -5.16 -2.12 -30.24
CA ALA G 86 -5.67 -0.77 -30.07
C ALA G 86 -5.36 -0.22 -28.69
N ILE G 87 -5.53 -1.04 -27.64
CA ILE G 87 -5.23 -0.57 -26.29
C ILE G 87 -3.73 -0.40 -26.10
N ARG G 88 -2.93 -1.34 -26.60
CA ARG G 88 -1.50 -1.32 -26.32
C ARG G 88 -0.75 -0.28 -27.15
N ASN G 89 -1.36 0.24 -28.21
CA ASN G 89 -0.72 1.29 -28.98
C ASN G 89 -1.07 2.69 -28.49
N ASP G 90 -2.33 2.93 -28.13
CA ASP G 90 -2.73 4.22 -27.58
C ASP G 90 -2.18 4.38 -26.18
N GLU G 91 -1.47 5.48 -25.93
CA GLU G 91 -0.76 5.65 -24.66
C GLU G 91 -1.75 5.80 -23.50
N GLU G 92 -2.75 6.68 -23.64
CA GLU G 92 -3.66 6.93 -22.54
C GLU G 92 -4.51 5.70 -22.22
N LEU G 93 -5.01 5.03 -23.24
CA LEU G 93 -5.81 3.82 -23.02
C LEU G 93 -4.96 2.70 -22.44
N ASN G 94 -3.71 2.59 -22.88
CA ASN G 94 -2.81 1.60 -22.28
C ASN G 94 -2.56 1.90 -20.81
N LYS G 95 -2.36 3.17 -20.47
CA LYS G 95 -2.15 3.52 -19.07
C LYS G 95 -3.39 3.25 -18.24
N LEU G 96 -4.58 3.53 -18.79
CA LEU G 96 -5.82 3.22 -18.08
C LEU G 96 -6.01 1.73 -17.89
N LEU G 97 -5.45 0.91 -18.76
CA LEU G 97 -5.62 -0.54 -18.70
C LEU G 97 -4.26 -1.23 -18.57
N GLY G 98 -3.42 -0.73 -17.68
CA GLY G 98 -2.04 -1.22 -17.59
C GLY G 98 -1.90 -2.58 -16.96
N ARG G 99 -2.88 -3.03 -16.18
CA ARG G 99 -2.77 -4.30 -15.48
C ARG G 99 -3.95 -5.21 -15.81
N VAL G 100 -4.25 -5.35 -17.10
CA VAL G 100 -5.38 -6.15 -17.57
C VAL G 100 -4.89 -7.08 -18.67
N THR G 101 -5.32 -8.34 -18.60
CA THR G 101 -4.95 -9.35 -19.58
C THR G 101 -6.13 -9.63 -20.50
N ILE G 102 -5.87 -9.67 -21.80
CA ILE G 102 -6.89 -9.91 -22.81
C ILE G 102 -6.74 -11.34 -23.32
N ALA G 103 -7.81 -12.12 -23.21
CA ALA G 103 -7.78 -13.50 -23.69
C ALA G 103 -7.52 -13.53 -25.18
N GLN G 104 -6.67 -14.47 -25.61
CA GLN G 104 -6.17 -14.57 -26.98
C GLN G 104 -5.90 -13.21 -27.60
N GLY G 105 -5.32 -12.29 -26.83
CA GLY G 105 -5.02 -10.97 -27.33
C GLY G 105 -3.61 -10.84 -27.87
N GLY G 106 -2.76 -11.81 -27.57
CA GLY G 106 -1.39 -11.74 -28.05
C GLY G 106 -0.60 -10.63 -27.37
N VAL G 107 0.52 -10.28 -28.00
CA VAL G 107 1.42 -9.26 -27.50
C VAL G 107 1.92 -8.44 -28.67
N LEU G 108 2.34 -7.21 -28.38
CA LEU G 108 2.87 -6.33 -29.42
C LEU G 108 4.21 -6.87 -29.92
N PRO G 109 4.36 -7.14 -31.21
CA PRO G 109 5.64 -7.64 -31.72
C PRO G 109 6.75 -6.62 -31.51
N ASN G 110 7.77 -7.02 -30.76
CA ASN G 110 8.90 -6.14 -30.46
C ASN G 110 10.14 -6.98 -30.22
N ILE G 111 11.26 -6.56 -30.79
CA ILE G 111 12.54 -7.22 -30.62
C ILE G 111 13.56 -6.16 -30.20
N GLN G 112 14.34 -6.47 -29.17
CA GLN G 112 15.34 -5.52 -28.69
C GLN G 112 16.42 -5.29 -29.75
N ALA G 113 17.01 -4.10 -29.72
CA ALA G 113 17.97 -3.72 -30.74
C ALA G 113 19.22 -4.60 -30.70
N VAL G 114 19.72 -4.90 -29.50
CA VAL G 114 20.93 -5.70 -29.38
C VAL G 114 20.72 -7.12 -29.91
N LEU G 115 19.47 -7.58 -29.90
CA LEU G 115 19.18 -8.92 -30.41
C LEU G 115 19.41 -9.02 -31.92
N LEU G 116 19.16 -7.94 -32.65
CA LEU G 116 19.26 -7.97 -34.09
C LEU G 116 20.72 -8.14 -34.53
N PRO G 117 20.95 -8.79 -35.68
CA PRO G 117 22.31 -9.01 -36.21
C PRO G 117 23.04 -7.71 -36.56
N ARG H 33 -33.55 -13.02 -17.95
CA ARG H 33 -32.46 -13.88 -17.51
C ARG H 33 -31.21 -13.08 -17.22
N LYS H 34 -30.21 -13.21 -18.10
CA LYS H 34 -28.94 -12.53 -17.95
C LYS H 34 -28.91 -11.26 -18.78
N GLU H 35 -28.34 -10.21 -18.23
CA GLU H 35 -28.23 -8.93 -18.90
C GLU H 35 -26.77 -8.64 -19.23
N SER H 36 -26.57 -7.73 -20.18
CA SER H 36 -25.24 -7.36 -20.65
C SER H 36 -25.32 -6.02 -21.34
N TYR H 37 -24.17 -5.52 -21.77
CA TYR H 37 -24.08 -4.30 -22.57
C TYR H 37 -23.91 -4.60 -24.05
N SER H 38 -24.48 -5.70 -24.52
CA SER H 38 -24.28 -6.10 -25.92
C SER H 38 -24.97 -5.13 -26.88
N VAL H 39 -26.24 -4.82 -26.62
CA VAL H 39 -27.00 -3.96 -27.53
C VAL H 39 -26.38 -2.58 -27.61
N TYR H 40 -25.96 -2.02 -26.47
CA TYR H 40 -25.46 -0.66 -26.46
C TYR H 40 -24.08 -0.55 -27.10
N VAL H 41 -23.20 -1.52 -26.82
CA VAL H 41 -21.89 -1.49 -27.45
C VAL H 41 -22.02 -1.74 -28.95
N TYR H 42 -22.97 -2.58 -29.36
CA TYR H 42 -23.20 -2.77 -30.79
C TYR H 42 -23.70 -1.48 -31.44
N LYS H 43 -24.60 -0.76 -30.77
CA LYS H 43 -25.06 0.52 -31.30
C LYS H 43 -23.91 1.51 -31.45
N VAL H 44 -23.04 1.58 -30.43
CA VAL H 44 -21.92 2.50 -30.50
C VAL H 44 -20.98 2.11 -31.64
N LEU H 45 -20.73 0.82 -31.80
CA LEU H 45 -19.87 0.34 -32.88
C LEU H 45 -20.43 0.70 -34.24
N LYS H 46 -21.75 0.52 -34.42
CA LYS H 46 -22.36 0.88 -35.69
C LYS H 46 -22.31 2.38 -35.92
N GLN H 47 -22.38 3.18 -34.85
CA GLN H 47 -22.25 4.63 -35.02
C GLN H 47 -20.84 5.02 -35.45
N VAL H 48 -19.82 4.40 -34.86
CA VAL H 48 -18.45 4.81 -35.16
C VAL H 48 -17.88 4.11 -36.39
N HIS H 49 -18.43 2.96 -36.77
CA HIS H 49 -17.95 2.22 -37.94
C HIS H 49 -19.16 1.57 -38.60
N PRO H 50 -19.74 2.20 -39.62
CA PRO H 50 -20.96 1.65 -40.24
C PRO H 50 -20.76 0.28 -40.86
N ASP H 51 -19.54 -0.08 -41.24
CA ASP H 51 -19.28 -1.29 -41.99
C ASP H 51 -18.43 -2.30 -41.22
N THR H 52 -18.40 -2.22 -39.90
CA THR H 52 -17.60 -3.12 -39.08
C THR H 52 -18.48 -3.83 -38.08
N GLY H 53 -18.38 -5.16 -38.06
CA GLY H 53 -19.03 -5.97 -37.06
C GLY H 53 -18.07 -6.33 -35.92
N ILE H 54 -18.59 -7.11 -34.98
CA ILE H 54 -17.81 -7.48 -33.81
C ILE H 54 -18.05 -8.95 -33.49
N SER H 55 -17.03 -9.60 -32.95
CA SER H 55 -17.08 -11.02 -32.65
C SER H 55 -17.60 -11.25 -31.24
N SER H 56 -18.09 -12.47 -31.00
CA SER H 56 -18.70 -12.78 -29.71
C SER H 56 -17.67 -12.73 -28.58
N LYS H 57 -16.48 -13.27 -28.79
CA LYS H 57 -15.44 -13.20 -27.77
C LYS H 57 -15.01 -11.77 -27.52
N ALA H 58 -14.80 -11.00 -28.59
CA ALA H 58 -14.49 -9.58 -28.43
C ALA H 58 -15.65 -8.82 -27.82
N MET H 59 -16.88 -9.27 -28.08
CA MET H 59 -18.04 -8.62 -27.47
C MET H 59 -18.04 -8.85 -25.97
N GLY H 60 -17.71 -10.07 -25.54
CA GLY H 60 -17.58 -10.32 -24.11
C GLY H 60 -16.44 -9.54 -23.48
N ILE H 61 -15.34 -9.37 -24.22
CA ILE H 61 -14.23 -8.55 -23.72
C ILE H 61 -14.69 -7.12 -23.52
N MET H 62 -15.48 -6.59 -24.45
CA MET H 62 -16.00 -5.23 -24.30
C MET H 62 -16.97 -5.15 -23.13
N ASN H 63 -17.78 -6.18 -22.92
CA ASN H 63 -18.66 -6.22 -21.76
C ASN H 63 -17.86 -6.17 -20.47
N SER H 64 -16.78 -6.96 -20.40
CA SER H 64 -15.94 -6.96 -19.20
C SER H 64 -15.28 -5.61 -19.00
N PHE H 65 -14.82 -4.97 -20.08
CA PHE H 65 -14.22 -3.64 -19.96
C PHE H 65 -15.21 -2.63 -19.43
N VAL H 66 -16.44 -2.65 -19.96
CA VAL H 66 -17.44 -1.69 -19.49
C VAL H 66 -17.77 -1.92 -18.03
N ASN H 67 -17.93 -3.20 -17.64
CA ASN H 67 -18.22 -3.50 -16.24
C ASN H 67 -17.08 -3.05 -15.34
N ASP H 68 -15.84 -3.29 -15.76
CA ASP H 68 -14.69 -2.93 -14.93
C ASP H 68 -14.63 -1.42 -14.74
N ILE H 69 -14.79 -0.66 -15.83
CA ILE H 69 -14.71 0.80 -15.72
C ILE H 69 -15.86 1.34 -14.90
N PHE H 70 -17.06 0.79 -15.07
CA PHE H 70 -18.20 1.22 -14.27
C PHE H 70 -17.96 0.97 -12.80
N GLU H 71 -17.43 -0.21 -12.46
CA GLU H 71 -17.14 -0.53 -11.07
C GLU H 71 -16.10 0.43 -10.50
N ARG H 72 -15.04 0.69 -11.25
CA ARG H 72 -13.98 1.59 -10.78
C ARG H 72 -14.55 2.97 -10.49
N ILE H 73 -15.29 3.54 -11.44
CA ILE H 73 -15.75 4.91 -11.29
C ILE H 73 -16.82 5.01 -10.19
N ALA H 74 -17.72 4.02 -10.12
CA ALA H 74 -18.73 4.03 -9.07
C ALA H 74 -18.10 3.90 -7.69
N GLY H 75 -17.11 3.02 -7.54
CA GLY H 75 -16.44 2.88 -6.26
C GLY H 75 -15.71 4.14 -5.85
N GLU H 76 -15.02 4.79 -6.79
CA GLU H 76 -14.32 6.02 -6.45
C GLU H 76 -15.30 7.13 -6.08
N ALA H 77 -16.42 7.23 -6.80
CA ALA H 77 -17.42 8.23 -6.45
C ALA H 77 -17.99 7.95 -5.07
N SER H 78 -18.19 6.68 -4.73
CA SER H 78 -18.64 6.32 -3.39
C SER H 78 -17.62 6.75 -2.34
N ARG H 79 -16.33 6.56 -2.64
CA ARG H 79 -15.28 6.96 -1.70
C ARG H 79 -15.28 8.47 -1.49
N LEU H 80 -15.43 9.25 -2.55
CA LEU H 80 -15.50 10.70 -2.36
C LEU H 80 -16.75 11.11 -1.60
N ALA H 81 -17.88 10.44 -1.86
CA ALA H 81 -19.09 10.75 -1.11
C ALA H 81 -18.92 10.46 0.37
N HIS H 82 -18.16 9.40 0.69
CA HIS H 82 -17.91 9.07 2.09
C HIS H 82 -16.93 10.05 2.73
N TYR H 83 -15.89 10.45 2.01
CA TYR H 83 -14.84 11.28 2.58
C TYR H 83 -15.37 12.64 3.03
N ASN H 84 -16.29 13.22 2.25
CA ASN H 84 -16.79 14.55 2.51
C ASN H 84 -18.10 14.56 3.29
N LYS H 85 -18.50 13.41 3.83
CA LYS H 85 -19.70 13.31 4.66
C LYS H 85 -20.95 13.68 3.87
N ARG H 86 -21.13 13.03 2.73
CA ARG H 86 -22.28 13.24 1.86
C ARG H 86 -22.95 11.90 1.62
N SER H 87 -24.28 11.86 1.78
CA SER H 87 -25.04 10.64 1.62
C SER H 87 -25.62 10.47 0.22
N THR H 88 -25.31 11.38 -0.70
CA THR H 88 -25.83 11.34 -2.06
C THR H 88 -24.68 11.37 -3.04
N ILE H 89 -24.69 10.47 -4.02
CA ILE H 89 -23.76 10.53 -5.14
C ILE H 89 -24.39 11.42 -6.21
N THR H 90 -23.67 12.49 -6.57
CA THR H 90 -24.17 13.48 -7.51
C THR H 90 -23.27 13.51 -8.74
N SER H 91 -23.53 14.48 -9.62
CA SER H 91 -22.69 14.65 -10.80
C SER H 91 -21.28 15.07 -10.43
N ARG H 92 -21.12 15.81 -9.32
CA ARG H 92 -19.80 16.25 -8.91
C ARG H 92 -18.91 15.08 -8.52
N GLU H 93 -19.47 14.09 -7.81
CA GLU H 93 -18.68 12.91 -7.45
C GLU H 93 -18.22 12.15 -8.67
N ILE H 94 -19.12 11.97 -9.65
CA ILE H 94 -18.76 11.26 -10.87
C ILE H 94 -17.71 12.05 -11.64
N GLN H 95 -17.85 13.37 -11.70
CA GLN H 95 -16.88 14.20 -12.40
C GLN H 95 -15.50 14.10 -11.77
N THR H 96 -15.43 14.17 -10.43
CA THR H 96 -14.13 14.11 -9.78
C THR H 96 -13.54 12.72 -9.84
N ALA H 97 -14.37 11.67 -9.80
CA ALA H 97 -13.85 10.32 -10.02
C ALA H 97 -13.27 10.18 -11.42
N VAL H 98 -13.96 10.73 -12.43
CA VAL H 98 -13.44 10.71 -13.79
C VAL H 98 -12.11 11.44 -13.86
N ARG H 99 -12.01 12.58 -13.17
CA ARG H 99 -10.74 13.32 -13.15
C ARG H 99 -9.66 12.55 -12.41
N LEU H 100 -10.05 11.67 -11.48
CA LEU H 100 -9.06 10.94 -10.68
C LEU H 100 -8.52 9.73 -11.41
N LEU H 101 -9.39 8.97 -12.10
CA LEU H 101 -8.90 7.77 -12.78
C LEU H 101 -8.36 8.07 -14.17
N LEU H 102 -9.18 8.70 -15.01
CA LEU H 102 -8.83 8.83 -16.42
C LEU H 102 -7.58 9.70 -16.58
N PRO H 103 -6.59 9.26 -17.35
CA PRO H 103 -5.32 10.00 -17.44
C PRO H 103 -5.28 10.99 -18.60
N GLY H 104 -4.78 12.18 -18.28
CA GLY H 104 -4.47 13.15 -19.32
C GLY H 104 -5.65 13.52 -20.17
N GLU H 105 -5.46 13.48 -21.49
CA GLU H 105 -6.48 13.91 -22.43
C GLU H 105 -7.77 13.13 -22.30
N LEU H 106 -7.72 11.89 -21.82
CA LEU H 106 -8.93 11.11 -21.63
C LEU H 106 -9.85 11.73 -20.58
N ALA H 107 -9.27 12.39 -19.57
CA ALA H 107 -10.09 12.99 -18.54
C ALA H 107 -10.79 14.25 -19.05
N LYS H 108 -10.00 15.24 -19.48
CA LYS H 108 -10.55 16.51 -19.92
C LYS H 108 -11.58 16.32 -21.03
N HIS H 109 -11.34 15.35 -21.92
CA HIS H 109 -12.33 15.04 -22.94
C HIS H 109 -13.61 14.48 -22.32
N ALA H 110 -13.47 13.44 -21.50
CA ALA H 110 -14.65 12.74 -20.99
C ALA H 110 -15.52 13.68 -20.17
N VAL H 111 -14.91 14.51 -19.34
CA VAL H 111 -15.66 15.51 -18.57
C VAL H 111 -16.48 16.37 -19.51
N SER H 112 -15.86 16.86 -20.59
CA SER H 112 -16.60 17.68 -21.55
C SER H 112 -17.73 16.88 -22.21
N GLU H 113 -17.53 15.58 -22.39
CA GLU H 113 -18.58 14.75 -22.95
C GLU H 113 -19.58 14.29 -21.89
N GLY H 114 -19.27 14.48 -20.61
CA GLY H 114 -20.20 14.11 -19.57
C GLY H 114 -21.18 15.22 -19.26
N THR H 115 -20.67 16.40 -18.89
CA THR H 115 -21.54 17.51 -18.54
C THR H 115 -22.45 17.90 -19.69
N LYS H 116 -21.97 17.76 -20.93
CA LYS H 116 -22.79 18.07 -22.09
C LYS H 116 -24.09 17.28 -22.07
N ALA H 117 -24.06 16.05 -21.55
CA ALA H 117 -25.29 15.29 -21.40
C ALA H 117 -26.17 15.88 -20.29
N VAL H 118 -25.58 16.17 -19.14
CA VAL H 118 -26.36 16.58 -17.98
C VAL H 118 -27.10 17.88 -18.26
N THR H 119 -26.39 18.87 -18.82
CA THR H 119 -27.06 20.11 -19.19
C THR H 119 -28.18 19.86 -20.18
N LYS H 120 -27.99 18.89 -21.09
CA LYS H 120 -29.07 18.53 -21.99
C LYS H 120 -30.27 18.03 -21.22
N TYR H 121 -30.05 17.19 -20.21
CA TYR H 121 -31.13 16.75 -19.34
C TYR H 121 -31.79 17.95 -18.68
N THR H 122 -31.00 18.98 -18.35
CA THR H 122 -31.59 20.19 -17.80
C THR H 122 -32.55 20.83 -18.78
N SER H 123 -32.19 20.84 -20.07
CA SER H 123 -33.10 21.38 -21.08
C SER H 123 -34.29 20.45 -21.29
N ALA H 124 -34.10 19.15 -21.12
CA ALA H 124 -35.14 18.15 -21.31
C ALA H 124 -35.73 18.22 -22.72
N1 5CM I 15 15.87 18.31 32.67
C2 5CM I 15 15.74 17.30 31.83
N3 5CM I 15 15.79 16.04 32.23
C4 5CM I 15 15.97 15.78 33.51
C5 5CM I 15 16.10 16.82 34.42
C5A 5CM I 15 16.32 16.53 35.90
C6 5CM I 15 16.05 18.12 33.95
O2 5CM I 15 15.58 17.52 30.67
N4 5CM I 15 16.03 14.41 33.97
C1' 5CM I 15 15.80 19.67 32.12
C2' 5CM I 15 15.34 20.48 32.99
C3' 5CM I 15 16.11 21.75 32.83
C4' 5CM I 15 17.35 21.40 31.93
O4' 5CM I 15 17.29 20.18 31.72
O3' 5CM I 15 15.31 22.80 32.40
C5' 5CM I 15 18.72 21.70 32.67
O5' 5CM I 15 18.51 22.55 33.76
P 5CM I 15 18.75 21.99 35.29
OP1 5CM I 15 19.08 23.10 36.24
OP2 5CM I 15 17.53 21.23 35.77
N ARG K 1 9.42 0.48 36.69
CA ARG K 1 8.65 1.63 36.20
C ARG K 1 7.43 1.84 37.07
N SER K 2 7.02 0.79 37.78
CA SER K 2 5.87 0.85 38.67
C SER K 2 6.24 0.67 40.13
N LEU K 3 7.53 0.55 40.45
CA LEU K 3 7.97 0.28 41.81
C LEU K 3 8.92 1.34 42.34
N GLY K 4 9.84 1.83 41.52
CA GLY K 4 10.84 2.77 41.97
C GLY K 4 10.29 4.12 42.41
N SER K 5 10.96 4.75 43.36
CA SER K 5 10.62 6.10 43.75
C SER K 5 11.39 7.11 42.91
N THR K 6 10.79 8.28 42.73
CA THR K 6 11.38 9.35 41.93
C THR K 6 11.78 10.50 42.84
N CYS K 7 13.04 10.89 42.77
CA CYS K 7 13.54 12.01 43.57
C CYS K 7 12.99 13.32 43.04
N HIS K 8 12.84 14.29 43.94
CA HIS K 8 12.31 15.59 43.52
C HIS K 8 13.36 16.39 42.75
N GLN K 9 14.61 16.37 43.21
CA GLN K 9 15.65 17.15 42.55
C GLN K 9 16.03 16.56 41.20
N CYS K 10 16.30 15.25 41.16
CA CYS K 10 16.79 14.62 39.93
C CYS K 10 15.67 14.10 39.05
N ARG K 11 14.50 13.82 39.62
CA ARG K 11 13.30 13.47 38.85
C ARG K 11 13.51 12.24 37.98
N GLN K 12 14.29 11.28 38.44
CA GLN K 12 14.52 10.03 37.75
C GLN K 12 13.97 8.86 38.57
N LYS K 13 13.86 7.71 37.92
CA LYS K 13 13.39 6.49 38.58
C LYS K 13 14.58 5.58 38.90
N THR K 14 14.75 5.28 40.18
CA THR K 14 15.83 4.43 40.64
C THR K 14 15.39 3.73 41.92
N ILE K 15 16.06 2.62 42.23
CA ILE K 15 15.78 1.85 43.43
C ILE K 15 16.72 2.34 44.53
N ASP K 16 16.18 3.15 45.44
CA ASP K 16 16.97 3.69 46.55
C ASP K 16 16.02 4.23 47.60
N THR K 17 16.47 4.18 48.86
CA THR K 17 15.72 4.80 49.94
C THR K 17 15.75 6.32 49.80
N LYS K 18 14.60 6.95 50.06
CA LYS K 18 14.48 8.39 49.95
C LYS K 18 13.84 8.97 51.20
N THR K 19 14.24 10.18 51.55
CA THR K 19 13.76 10.82 52.77
C THR K 19 12.32 11.28 52.59
N ASN K 20 11.69 11.60 53.72
CA ASN K 20 10.30 12.02 53.75
C ASN K 20 10.17 13.33 54.50
N CYS K 21 9.13 14.09 54.16
CA CYS K 21 8.86 15.38 54.78
C CYS K 21 7.87 15.18 55.92
N ARG K 22 8.24 15.65 57.11
CA ARG K 22 7.42 15.51 58.30
C ARG K 22 6.55 16.73 58.56
N ASN K 23 6.54 17.69 57.65
CA ASN K 23 5.68 18.87 57.80
C ASN K 23 4.23 18.45 57.65
N PRO K 24 3.37 18.71 58.65
CA PRO K 24 1.94 18.42 58.46
C PRO K 24 1.33 19.18 57.29
N ASP K 25 1.80 20.40 57.02
CA ASP K 25 1.31 21.17 55.88
C ASP K 25 1.93 20.76 54.57
N CYS K 26 2.94 19.89 54.58
CA CYS K 26 3.55 19.41 53.35
C CYS K 26 2.56 18.56 52.57
N TRP K 27 2.58 18.70 51.25
CA TRP K 27 1.69 17.97 50.38
C TRP K 27 2.47 17.42 49.19
N GLY K 28 1.95 16.34 48.61
CA GLY K 28 2.56 15.74 47.45
C GLY K 28 3.81 14.93 47.78
N VAL K 29 4.49 14.53 46.70
CA VAL K 29 5.70 13.72 46.81
C VAL K 29 6.95 14.60 46.93
N ARG K 30 6.81 15.92 46.77
CA ARG K 30 7.95 16.83 46.79
C ARG K 30 8.79 16.73 48.06
N GLY K 31 8.33 16.00 49.08
CA GLY K 31 9.12 15.75 50.26
C GLY K 31 10.09 14.60 50.14
N GLN K 32 10.22 14.01 48.96
CA GLN K 32 11.09 12.85 48.75
C GLN K 32 12.32 13.28 47.95
N PHE K 33 13.50 12.97 48.48
CA PHE K 33 14.76 13.28 47.84
C PHE K 33 15.68 12.07 47.90
N CYS K 34 16.52 11.93 46.89
CA CYS K 34 17.49 10.85 46.84
C CYS K 34 18.85 11.32 47.34
N GLY K 35 19.61 10.38 47.90
CA GLY K 35 20.90 10.65 48.47
C GLY K 35 21.89 11.37 47.57
N PRO K 36 22.07 10.89 46.32
CA PRO K 36 23.02 11.55 45.43
C PRO K 36 22.73 13.01 45.17
N CYS K 37 21.45 13.41 45.20
CA CYS K 37 21.13 14.80 44.95
C CYS K 37 21.31 15.65 46.20
N LEU K 38 20.77 15.21 47.34
CA LEU K 38 20.83 16.04 48.54
C LEU K 38 22.24 16.11 49.10
N ARG K 39 23.01 15.03 49.01
CA ARG K 39 24.39 15.08 49.51
C ARG K 39 25.26 15.99 48.64
N ASN K 40 24.95 16.09 47.35
CA ASN K 40 25.68 17.01 46.48
C ASN K 40 25.18 18.44 46.59
N ARG K 41 23.95 18.64 47.05
CA ARG K 41 23.35 19.97 47.07
C ARG K 41 23.49 20.69 48.41
N TYR K 42 23.29 19.99 49.54
CA TYR K 42 23.24 20.66 50.83
C TYR K 42 24.12 20.01 51.90
N GLY K 43 24.85 18.96 51.57
CA GLY K 43 25.71 18.32 52.55
C GLY K 43 25.01 17.43 53.54
N GLU K 44 23.71 17.21 53.39
CA GLU K 44 22.96 16.31 54.25
C GLU K 44 22.97 14.90 53.67
N GLU K 45 22.74 13.92 54.53
CA GLU K 45 22.75 12.52 54.13
C GLU K 45 21.38 11.90 54.37
N VAL K 46 21.21 10.67 53.87
CA VAL K 46 19.95 9.96 54.03
C VAL K 46 19.72 9.58 55.49
N ARG K 47 20.77 9.07 56.16
CA ARG K 47 20.61 8.55 57.51
C ARG K 47 20.19 9.65 58.48
N ASP K 48 20.93 10.77 58.50
CA ASP K 48 20.62 11.83 59.46
C ASP K 48 19.26 12.45 59.17
N ALA K 49 18.92 12.64 57.89
CA ALA K 49 17.61 13.19 57.55
C ALA K 49 16.49 12.25 58.00
N LEU K 50 16.68 10.94 57.82
CA LEU K 50 15.67 9.98 58.28
C LEU K 50 15.54 9.97 59.78
N LEU K 51 16.66 10.02 60.51
CA LEU K 51 16.64 9.90 61.96
C LEU K 51 16.17 11.16 62.66
N ASP K 52 16.27 12.31 62.02
CA ASP K 52 15.89 13.56 62.66
C ASP K 52 14.37 13.69 62.68
N PRO K 53 13.75 13.84 63.85
CA PRO K 53 12.28 13.93 63.89
C PRO K 53 11.74 15.22 63.30
N ASN K 54 12.48 16.32 63.37
CA ASN K 54 12.03 17.60 62.87
C ASN K 54 12.62 17.93 61.50
N TRP K 55 13.21 16.94 60.83
CA TRP K 55 13.79 17.18 59.52
C TRP K 55 12.70 17.45 58.50
N HIS K 56 12.88 18.50 57.70
CA HIS K 56 11.94 18.90 56.67
C HIS K 56 12.61 18.83 55.31
N CYS K 57 11.80 18.58 54.28
CA CYS K 57 12.31 18.55 52.92
C CYS K 57 12.81 19.94 52.53
N PRO K 58 13.83 20.01 51.67
CA PRO K 58 14.40 21.33 51.31
C PRO K 58 13.36 22.30 50.78
N PRO K 59 12.33 21.84 50.05
CA PRO K 59 11.22 22.76 49.76
C PRO K 59 10.53 23.31 51.00
N CYS K 60 10.44 22.51 52.07
CA CYS K 60 9.77 22.98 53.28
C CYS K 60 10.51 24.14 53.92
N ARG K 61 11.85 24.06 53.99
CA ARG K 61 12.62 25.18 54.51
C ARG K 61 12.82 26.29 53.48
N GLY K 62 12.41 26.07 52.24
CA GLY K 62 12.58 27.07 51.20
C GLY K 62 13.94 27.08 50.55
N ILE K 63 14.76 26.06 50.78
CA ILE K 63 16.11 26.01 50.24
C ILE K 63 16.21 25.08 49.04
N CYS K 64 15.08 24.58 48.53
CA CYS K 64 15.09 23.73 47.35
C CYS K 64 15.59 24.50 46.14
N ASN K 65 16.50 23.89 45.38
CA ASN K 65 17.04 24.50 44.17
C ASN K 65 16.73 23.65 42.95
N CYS K 66 15.65 22.86 43.01
CA CYS K 66 15.20 22.12 41.85
C CYS K 66 14.73 23.09 40.76
N SER K 67 14.86 22.65 39.51
CA SER K 67 14.53 23.51 38.39
C SER K 67 13.06 23.91 38.41
N PHE K 68 12.18 22.99 38.80
CA PHE K 68 10.77 23.33 38.93
C PHE K 68 10.57 24.42 39.98
N CYS K 69 11.10 24.21 41.19
CA CYS K 69 10.98 25.21 42.24
C CYS K 69 11.76 26.47 41.89
N ARG K 70 12.92 26.32 41.24
CA ARG K 70 13.70 27.49 40.85
C ARG K 70 12.93 28.35 39.86
N GLN K 71 12.15 27.72 38.98
CA GLN K 71 11.30 28.48 38.06
C GLN K 71 10.10 29.08 38.78
N ARG K 72 9.57 28.38 39.79
CA ARG K 72 8.48 28.95 40.59
C ARG K 72 8.93 30.22 41.29
N ASP K 73 10.21 30.34 41.59
CA ASP K 73 10.74 31.57 42.19
C ASP K 73 10.94 32.68 41.18
N GLY K 74 10.69 32.41 39.90
CA GLY K 74 10.88 33.41 38.87
C GLY K 74 12.30 33.64 38.44
N ARG K 75 13.22 32.78 38.84
CA ARG K 75 14.63 32.92 38.52
C ARG K 75 15.12 31.70 37.74
N SER K 76 16.28 31.86 37.11
CA SER K 76 16.71 30.98 36.02
C SER K 76 17.02 29.58 36.53
N ALA K 77 17.50 28.73 35.63
CA ALA K 77 17.83 27.35 35.96
C ALA K 77 19.29 27.23 36.40
N THR K 78 19.51 26.45 37.46
CA THR K 78 20.85 26.33 38.02
C THR K 78 21.78 25.56 37.08
N GLY K 79 21.33 24.41 36.59
CA GLY K 79 22.21 23.53 35.83
C GLY K 79 23.11 22.72 36.73
N VAL K 80 24.35 22.50 36.31
CA VAL K 80 25.33 21.76 37.10
C VAL K 80 26.26 22.77 37.77
N LEU K 81 26.33 22.74 39.10
CA LEU K 81 27.08 23.72 39.86
C LEU K 81 28.07 23.12 40.84
N VAL K 82 28.18 21.80 40.92
CA VAL K 82 29.01 21.17 41.95
C VAL K 82 30.48 21.54 41.76
N TYR K 83 30.97 21.44 40.52
CA TYR K 83 32.39 21.73 40.28
C TYR K 83 32.72 23.21 40.45
N LEU K 84 31.76 24.10 40.15
CA LEU K 84 31.98 25.52 40.40
C LEU K 84 32.16 25.79 41.89
N ALA K 85 31.34 25.17 42.73
CA ALA K 85 31.50 25.31 44.18
C ALA K 85 32.81 24.68 44.65
N LYS K 86 33.18 23.54 44.07
CA LYS K 86 34.44 22.88 44.45
C LYS K 86 35.63 23.76 44.12
N TYR K 87 35.64 24.40 42.94
CA TYR K 87 36.74 25.28 42.59
C TYR K 87 36.80 26.50 43.50
N HIS K 88 35.66 26.89 44.08
CA HIS K 88 35.61 28.02 45.00
C HIS K 88 35.75 27.60 46.46
N GLY K 89 35.96 26.32 46.72
CA GLY K 89 36.17 25.84 48.07
C GLY K 89 34.92 25.56 48.87
N PHE K 90 33.74 25.63 48.25
CA PHE K 90 32.49 25.39 48.95
C PHE K 90 32.14 23.91 48.91
N GLY K 91 31.87 23.34 50.08
CA GLY K 91 31.53 21.93 50.16
C GLY K 91 30.20 21.62 49.48
N ASN K 92 29.21 22.50 49.65
CA ASN K 92 27.91 22.33 49.05
C ASN K 92 27.54 23.58 48.27
N VAL K 93 26.72 23.39 47.23
CA VAL K 93 26.34 24.51 46.38
C VAL K 93 25.46 25.49 47.14
N HIS K 94 24.72 25.02 48.15
CA HIS K 94 23.85 25.91 48.91
C HIS K 94 24.66 27.01 49.60
N ALA K 95 25.78 26.65 50.23
CA ALA K 95 26.68 27.66 50.76
C ALA K 95 27.26 28.51 49.64
N TYR K 96 27.59 27.88 48.52
CA TYR K 96 28.02 28.63 47.35
C TYR K 96 26.91 29.55 46.84
N LEU K 97 25.68 29.04 46.78
CA LEU K 97 24.55 29.87 46.35
C LEU K 97 24.28 31.01 47.33
N LYS K 98 24.35 30.71 48.63
CA LYS K 98 24.16 31.76 49.63
C LYS K 98 25.27 32.80 49.56
N SER K 99 26.51 32.34 49.34
CA SER K 99 27.63 33.27 49.19
C SER K 99 27.47 34.13 47.93
N LEU K 100 26.97 33.52 46.85
CA LEU K 100 26.77 34.28 45.61
C LEU K 100 25.78 35.41 45.81
N LYS K 101 24.69 35.14 46.54
CA LYS K 101 23.72 36.20 46.84
C LYS K 101 24.35 37.29 47.69
N GLN K 102 25.17 36.90 48.67
CA GLN K 102 25.81 37.89 49.54
C GLN K 102 26.75 38.79 48.75
N GLU K 103 27.51 38.22 47.82
CA GLU K 103 28.47 38.98 47.04
C GLU K 103 27.78 39.97 46.12
ZN ZN L . 17.69 13.01 42.85
ZN ZN M . 7.67 18.86 52.26
ZN ZN N . 11.77 21.93 44.12
#